data_7SCJ
#
_entry.id   7SCJ
#
_cell.length_a   1.00
_cell.length_b   1.00
_cell.length_c   1.00
_cell.angle_alpha   90.00
_cell.angle_beta   90.00
_cell.angle_gamma   90.00
#
_symmetry.space_group_name_H-M   'P 1'
#
loop_
_entity.id
_entity.type
_entity.pdbx_description
1 polymer Exostosin-1
2 polymer Exostosin-2
3 branched beta-D-mannopyranose-(1-4)-2-acetamido-2-deoxy-beta-D-glucopyranose-(1-4)-2-acetamido-2-deoxy-beta-D-glucopyranose
4 branched '2-acetamido-2-deoxy-alpha-D-glucopyranose-(1-4)-beta-D-glucopyranuronic acid-(1-4)-2-acetamido-2-deoxy-alpha-D-glucopyranose'
5 non-polymer 2-acetamido-2-deoxy-beta-D-glucopyranose
6 non-polymer "URIDINE-5'-DIPHOSPHATE"
#
loop_
_entity_poly.entity_id
_entity_poly.type
_entity_poly.pdbx_seq_one_letter_code
_entity_poly.pdbx_strand_id
1 'polypeptide(L)'
;GFRASRSHSRREEHSGRNGLHHPSPDHFWPRFPDALRPFVPWDQLENEDSSVHISPRQKRDANSSIYKGKKCRMESCFDF
TLCKKNGFKVYVYPQQKGEKIAESYQNILAAIEGSRFYTSDPSQACLFVLSLDTLDRDQLSPQYVHNLRSKVQSLHLWNN
GRNHLIFNLYSGTWPDYTEDVGFDIGQAMLAKASISTENFRPNFDVSIPLFSKDHPRTGGERGFLKFNTIPPLRKYMLVF
KGKRYLTGIGSDTRNALYHVHNGEDVVLLTTCKHGKDWQKHKDSRCDRDNTEYEKYDYREMLHNATFCLVPRGRRLGSFR
FLEALQAACVPVMLSNGWELPFSEVINWNQAAVIGDERLLLQIPSTIRSIHQDKILALRQQTQFLWEAYFSSVEKIVLTT
LEIIQDRIFKHISRNSLIWNKHPGGLFVLPQYSSYLGDFPYYYANLGLKPPSKFTAVIHAVTPLVSQSQPVLKLLVAAAK
SQYCAQIIVLWNCDKPLPAKHRWPATAVPVVVIEGESKVMSSRFLPYDNIITDAVLSLDEDTVLSTTEVDFAFTVWQSFP
ERIVGYPARSHFWDNSKERWGYTSKWTNDYSMVLTGAAIYHKYYHYLYSHYLPASLKNMVDQLANCEDILMNFLVSAVTK
LPPIKVTQKKQYKETMMGQTSRASRWADPDHFAQRQSCMNTFASWFGYMPLIHSQMRLDPVLFKDQVSILRKKYRDIERL
;
A
2 'polypeptide(L)'
;WPHSIESSNDWNVEKRSIRDVPVVRLPADSPIPERGDLSCRMHTCFDVYRCGFNPKNKIKVYIYALKKYVDDFGVSVSNT
ISREYNELLMAISDSDYYTDDINRACLFVPSIDVLNQNTLRIKETAQAMAQLSRWDRGTNHLLFNMLPGGPPDYNTALDV
PRDRALLAGGGFSTWTYRQGYDVSIPVYSPLSAEVDLPEKGPGPRQYFLLSSQVGLHPEYREDLEALQVKHGESVLVLDK
CTNLSEGVLSVRKRCHKHQVFDYPQVLQEATFCVVLRGARLGQAVLSDVLQAGCVPVVIADSYILPFSEVLDWKRASVVV
PEEKMSDVYSILQSIPQRQIEEMQRQARWFWEAYFQSIKAIALATLQIINDRIYPYAAISYEEWNDPPAVKWGSVSNPLF
LPLIPPQSQGFTAIVLTYDRVESLFRVITEVSKVPSLSKLLVVWNNQNKNPPEDSLWPKIRVPLKVVRTAENKLSNRFFP
YDEIETEAVLAIDDDIIMLTSDELQFGYEVWREFPDRLVGYPGRLHLWDHEMNKWKYESEWTNEVSMVLTGAAFYHKYFN
YLYTYKMPGDIKNWVDAHMNCEDIAMNFLVANVTGKAVIKVTPRKKFKCPECTAIDGLSLDQTHMVERSECINKFASVFG
TMPLKVVEHRADPVLYKDDFPEKLKSFPNIGSL
;
B
#
loop_
_chem_comp.id
_chem_comp.type
_chem_comp.name
_chem_comp.formula
BDP D-saccharide, beta linking 'beta-D-glucopyranuronic acid' 'C6 H10 O7'
BMA D-saccharide, beta linking beta-D-mannopyranose 'C6 H12 O6'
NAG D-saccharide, beta linking 2-acetamido-2-deoxy-beta-D-glucopyranose 'C8 H15 N O6'
NDG D-saccharide, alpha linking 2-acetamido-2-deoxy-alpha-D-glucopyranose 'C8 H15 N O6'
UDP RNA linking URIDINE-5'-DIPHOSPHATE 'C9 H14 N2 O12 P2'
#
# COMPACT_ATOMS: atom_id res chain seq x y z
N ILE A 66 0.14 -32.03 19.43
CA ILE A 66 -0.07 -30.87 20.28
C ILE A 66 -0.38 -29.65 19.42
N TYR A 67 0.63 -29.14 18.74
CA TYR A 67 0.48 -28.01 17.83
C TYR A 67 0.33 -28.44 16.38
N LYS A 68 0.16 -29.74 16.13
CA LYS A 68 0.07 -30.27 14.78
C LYS A 68 -1.36 -30.49 14.32
N GLY A 69 -2.35 -30.00 15.09
CA GLY A 69 -3.73 -30.20 14.73
C GLY A 69 -4.34 -29.04 13.98
N LYS A 70 -5.44 -28.49 14.52
CA LYS A 70 -6.07 -27.34 13.88
C LYS A 70 -5.21 -26.09 14.01
N LYS A 71 -4.48 -25.97 15.11
CA LYS A 71 -3.65 -24.80 15.38
C LYS A 71 -2.26 -24.94 14.77
N CYS A 72 -2.22 -25.23 13.48
CA CYS A 72 -0.96 -25.38 12.76
C CYS A 72 -0.36 -24.02 12.43
N ARG A 73 0.96 -23.93 12.50
CA ARG A 73 1.69 -22.74 12.09
C ARG A 73 2.88 -23.18 11.22
N MET A 74 3.63 -22.19 10.72
CA MET A 74 4.72 -22.49 9.81
C MET A 74 5.85 -23.25 10.50
N GLU A 75 6.17 -22.89 11.73
CA GLU A 75 7.29 -23.54 12.42
C GLU A 75 6.94 -24.91 12.98
N SER A 76 5.69 -25.33 12.91
CA SER A 76 5.30 -26.65 13.38
C SER A 76 4.85 -27.56 12.24
N CYS A 77 3.86 -27.14 11.45
CA CYS A 77 3.34 -27.96 10.36
C CYS A 77 3.93 -27.55 9.01
N PHE A 78 5.26 -27.49 8.90
CA PHE A 78 5.90 -27.17 7.64
C PHE A 78 7.35 -27.64 7.70
N ASP A 79 7.88 -28.02 6.55
CA ASP A 79 9.21 -28.59 6.43
C ASP A 79 10.11 -27.52 5.80
N PHE A 80 10.74 -26.72 6.65
CA PHE A 80 11.62 -25.66 6.15
C PHE A 80 12.85 -26.23 5.45
N THR A 81 13.32 -27.41 5.88
CA THR A 81 14.52 -27.99 5.29
C THR A 81 14.35 -28.24 3.79
N LEU A 82 13.14 -28.63 3.37
CA LEU A 82 12.89 -28.82 1.95
C LEU A 82 12.98 -27.49 1.21
N CYS A 83 12.51 -26.41 1.84
CA CYS A 83 12.63 -25.06 1.30
C CYS A 83 13.92 -24.38 1.69
N LYS A 84 14.75 -24.99 2.55
CA LYS A 84 15.98 -24.36 2.98
C LYS A 84 16.89 -24.03 1.79
N LYS A 85 16.90 -24.89 0.78
CA LYS A 85 17.52 -24.54 -0.49
C LYS A 85 16.81 -23.33 -1.07
N ASN A 86 17.59 -22.33 -1.51
CA ASN A 86 16.99 -21.10 -2.02
C ASN A 86 16.38 -21.35 -3.39
N GLY A 87 15.39 -22.22 -3.43
CA GLY A 87 14.80 -22.68 -4.68
C GLY A 87 13.31 -22.86 -4.65
N PHE A 88 12.58 -22.00 -3.93
CA PHE A 88 11.15 -22.20 -3.71
C PHE A 88 10.43 -22.53 -5.02
N LYS A 89 9.94 -23.76 -5.10
CA LYS A 89 9.24 -24.26 -6.27
C LYS A 89 8.00 -25.02 -5.80
N VAL A 90 6.97 -25.04 -6.65
CA VAL A 90 5.72 -25.73 -6.35
C VAL A 90 5.51 -26.82 -7.40
N TYR A 91 5.02 -27.97 -6.95
CA TYR A 91 4.82 -29.14 -7.79
C TYR A 91 3.34 -29.42 -7.95
N VAL A 92 2.91 -29.64 -9.19
CA VAL A 92 1.51 -29.91 -9.51
C VAL A 92 1.34 -31.40 -9.77
N TYR A 93 0.33 -31.99 -9.14
CA TYR A 93 0.07 -33.41 -9.37
C TYR A 93 -0.46 -33.64 -10.78
N PRO A 94 -0.10 -34.75 -11.42
CA PRO A 94 -0.67 -35.08 -12.73
C PRO A 94 -2.15 -35.40 -12.61
N GLN A 95 -2.87 -35.16 -13.70
CA GLN A 95 -4.29 -35.46 -13.78
C GLN A 95 -4.52 -36.96 -13.91
N GLN A 96 -5.62 -37.44 -13.34
CA GLN A 96 -5.99 -38.83 -13.46
C GLN A 96 -6.69 -39.15 -14.78
N LYS A 97 -7.03 -38.13 -15.57
CA LYS A 97 -7.63 -38.27 -16.89
C LYS A 97 -8.97 -39.01 -16.85
N GLY A 98 -9.59 -39.11 -15.68
CA GLY A 98 -10.83 -39.84 -15.56
C GLY A 98 -11.79 -39.22 -14.55
N GLU A 99 -11.48 -38.01 -14.10
CA GLU A 99 -12.29 -37.32 -13.11
C GLU A 99 -12.69 -35.95 -13.64
N LYS A 100 -13.93 -35.57 -13.41
CA LYS A 100 -14.40 -34.26 -13.85
C LYS A 100 -13.69 -33.16 -13.08
N ILE A 101 -13.39 -32.07 -13.78
CA ILE A 101 -12.67 -30.95 -13.21
C ILE A 101 -13.30 -29.65 -13.70
N ALA A 102 -13.46 -28.69 -12.79
CA ALA A 102 -14.10 -27.44 -13.12
C ALA A 102 -13.13 -26.51 -13.85
N GLU A 103 -13.70 -25.52 -14.53
CA GLU A 103 -12.88 -24.58 -15.31
C GLU A 103 -12.08 -23.66 -14.41
N SER A 104 -12.63 -23.29 -13.25
CA SER A 104 -11.89 -22.44 -12.32
C SER A 104 -10.65 -23.13 -11.80
N TYR A 105 -10.74 -24.43 -11.51
CA TYR A 105 -9.57 -25.17 -11.07
C TYR A 105 -8.58 -25.38 -12.21
N GLN A 106 -9.07 -25.49 -13.45
CA GLN A 106 -8.19 -25.50 -14.60
C GLN A 106 -7.41 -24.20 -14.68
N ASN A 107 -8.09 -23.08 -14.42
CA ASN A 107 -7.41 -21.78 -14.42
C ASN A 107 -6.37 -21.70 -13.31
N ILE A 108 -6.70 -22.21 -12.13
CA ILE A 108 -5.73 -22.20 -11.02
C ILE A 108 -4.50 -23.03 -11.37
N LEU A 109 -4.73 -24.23 -11.91
CA LEU A 109 -3.62 -25.10 -12.26
C LEU A 109 -2.76 -24.49 -13.37
N ALA A 110 -3.41 -23.86 -14.36
CA ALA A 110 -2.64 -23.22 -15.43
C ALA A 110 -1.84 -22.03 -14.90
N ALA A 111 -2.41 -21.29 -13.94
CA ALA A 111 -1.67 -20.18 -13.34
C ALA A 111 -0.45 -20.68 -12.58
N ILE A 112 -0.59 -21.77 -11.83
CA ILE A 112 0.56 -22.33 -11.13
C ILE A 112 1.59 -22.87 -12.12
N GLU A 113 1.12 -23.60 -13.14
CA GLU A 113 2.03 -24.24 -14.08
C GLU A 113 2.72 -23.24 -14.99
N GLY A 114 2.03 -22.16 -15.37
CA GLY A 114 2.68 -21.13 -16.15
C GLY A 114 3.62 -20.26 -15.36
N SER A 115 3.60 -20.36 -14.03
CA SER A 115 4.45 -19.54 -13.20
C SER A 115 5.88 -20.06 -13.19
N ARG A 116 6.80 -19.18 -12.78
CA ARG A 116 8.19 -19.57 -12.61
C ARG A 116 8.40 -20.49 -11.42
N PHE A 117 7.40 -20.63 -10.54
CA PHE A 117 7.49 -21.51 -9.39
C PHE A 117 7.19 -22.96 -9.72
N TYR A 118 6.82 -23.27 -10.96
CA TYR A 118 6.43 -24.61 -11.33
C TYR A 118 7.64 -25.46 -11.67
N THR A 119 7.69 -26.67 -11.09
CA THR A 119 8.71 -27.65 -11.43
C THR A 119 8.06 -29.02 -11.58
N SER A 120 8.64 -29.83 -12.45
CA SER A 120 8.11 -31.17 -12.69
C SER A 120 8.66 -32.21 -11.72
N ASP A 121 9.88 -32.03 -11.24
CA ASP A 121 10.48 -33.01 -10.35
C ASP A 121 9.91 -32.87 -8.95
N PRO A 122 9.26 -33.90 -8.40
CA PRO A 122 8.71 -33.79 -7.05
C PRO A 122 9.74 -33.52 -5.97
N SER A 123 10.94 -34.06 -6.12
CA SER A 123 11.94 -33.93 -5.06
C SER A 123 12.37 -32.49 -4.85
N GLN A 124 12.57 -31.75 -5.94
CA GLN A 124 13.09 -30.38 -5.81
C GLN A 124 12.07 -29.45 -5.17
N ALA A 125 10.79 -29.65 -5.46
CA ALA A 125 9.77 -28.74 -4.95
C ALA A 125 9.57 -28.93 -3.44
N CYS A 126 9.24 -27.83 -2.77
CA CYS A 126 8.87 -27.87 -1.36
C CYS A 126 7.45 -27.39 -1.13
N LEU A 127 6.66 -27.23 -2.19
CA LEU A 127 5.24 -26.88 -2.10
C LEU A 127 4.46 -27.76 -3.05
N PHE A 128 3.35 -28.31 -2.59
CA PHE A 128 2.54 -29.23 -3.38
C PHE A 128 1.12 -28.72 -3.50
N VAL A 129 0.55 -28.82 -4.70
CA VAL A 129 -0.85 -28.46 -4.95
C VAL A 129 -1.50 -29.61 -5.69
N LEU A 130 -2.67 -30.03 -5.21
CA LEU A 130 -3.34 -31.20 -5.75
C LEU A 130 -3.89 -30.92 -7.15
N SER A 131 -4.11 -32.00 -7.90
CA SER A 131 -4.74 -31.93 -9.20
C SER A 131 -6.25 -32.18 -9.13
N LEU A 132 -6.76 -32.57 -7.98
CA LEU A 132 -8.18 -32.81 -7.80
C LEU A 132 -8.90 -31.51 -7.50
N ASP A 133 -10.13 -31.40 -8.01
CA ASP A 133 -10.92 -30.18 -7.85
C ASP A 133 -11.44 -30.10 -6.42
N THR A 134 -10.89 -29.18 -5.64
CA THR A 134 -11.33 -28.93 -4.28
C THR A 134 -12.05 -27.59 -4.14
N LEU A 135 -12.19 -26.83 -5.23
CA LEU A 135 -12.82 -25.52 -5.14
C LEU A 135 -14.27 -25.63 -4.71
N ASP A 136 -14.99 -26.62 -5.23
CA ASP A 136 -16.41 -26.79 -4.97
C ASP A 136 -16.60 -27.97 -4.01
N ARG A 137 -16.97 -27.68 -2.77
CA ARG A 137 -17.11 -28.70 -1.74
C ARG A 137 -18.50 -28.72 -1.13
N ASP A 138 -19.52 -28.45 -1.95
CA ASP A 138 -20.91 -28.58 -1.54
C ASP A 138 -21.54 -29.72 -2.32
N GLN A 139 -22.11 -30.69 -1.61
CA GLN A 139 -22.65 -31.88 -2.29
C GLN A 139 -23.85 -31.56 -3.15
N LEU A 140 -24.53 -30.43 -2.92
CA LEU A 140 -25.63 -30.04 -3.77
C LEU A 140 -25.19 -29.40 -5.09
N SER A 141 -23.92 -29.10 -5.22
CA SER A 141 -23.35 -28.50 -6.42
C SER A 141 -22.98 -29.56 -7.44
N PRO A 142 -22.89 -29.19 -8.72
CA PRO A 142 -22.56 -30.19 -9.76
C PRO A 142 -21.08 -30.40 -9.99
N GLN A 143 -20.20 -29.63 -9.36
CA GLN A 143 -18.75 -29.83 -9.48
C GLN A 143 -18.16 -30.55 -8.28
N TYR A 144 -18.99 -31.04 -7.38
CA TYR A 144 -18.51 -31.81 -6.24
C TYR A 144 -17.93 -33.13 -6.71
N VAL A 145 -16.77 -33.49 -6.16
CA VAL A 145 -16.08 -34.74 -6.50
C VAL A 145 -16.25 -35.70 -5.34
N HIS A 146 -16.75 -36.90 -5.64
CA HIS A 146 -17.07 -37.87 -4.62
C HIS A 146 -15.84 -38.71 -4.26
N ASN A 147 -15.88 -39.28 -3.05
CA ASN A 147 -14.82 -40.16 -2.55
C ASN A 147 -13.45 -39.48 -2.62
N LEU A 148 -13.42 -38.19 -2.28
CA LEU A 148 -12.18 -37.43 -2.33
C LEU A 148 -11.25 -37.79 -1.17
N ARG A 149 -11.82 -38.20 -0.04
CA ARG A 149 -11.00 -38.62 1.09
C ARG A 149 -10.09 -39.80 0.71
N SER A 150 -10.65 -40.81 0.06
CA SER A 150 -9.85 -41.94 -0.39
C SER A 150 -8.83 -41.51 -1.44
N LYS A 151 -9.26 -40.67 -2.40
CA LYS A 151 -8.37 -40.23 -3.46
C LYS A 151 -7.25 -39.32 -2.95
N VAL A 152 -7.37 -38.76 -1.75
CA VAL A 152 -6.33 -37.87 -1.23
C VAL A 152 -5.47 -38.65 -0.25
N GLN A 153 -6.04 -39.67 0.39
CA GLN A 153 -5.25 -40.54 1.25
C GLN A 153 -4.48 -41.59 0.45
N SER A 154 -4.90 -41.90 -0.77
CA SER A 154 -4.20 -42.89 -1.59
C SER A 154 -3.02 -42.30 -2.36
N LEU A 155 -2.81 -40.99 -2.28
CA LEU A 155 -1.70 -40.37 -3.01
C LEU A 155 -0.38 -40.78 -2.38
N HIS A 156 0.62 -41.00 -3.26
CA HIS A 156 1.92 -41.45 -2.79
C HIS A 156 2.72 -40.34 -2.13
N LEU A 157 2.57 -39.11 -2.61
CA LEU A 157 3.35 -37.97 -2.12
C LEU A 157 2.58 -37.09 -1.15
N TRP A 158 1.44 -37.57 -0.64
CA TRP A 158 0.64 -36.77 0.27
C TRP A 158 1.42 -36.43 1.54
N ASN A 159 2.03 -37.44 2.16
CA ASN A 159 2.85 -37.26 3.35
C ASN A 159 2.09 -36.49 4.43
N ASN A 160 0.87 -36.96 4.70
CA ASN A 160 -0.06 -36.33 5.64
C ASN A 160 -0.36 -34.88 5.27
N GLY A 161 -0.12 -34.51 4.01
CA GLY A 161 -0.30 -33.14 3.59
C GLY A 161 0.57 -32.19 4.37
N ARG A 162 1.89 -32.27 4.19
CA ARG A 162 2.83 -31.47 4.97
C ARG A 162 3.12 -30.13 4.31
N ASN A 163 3.61 -30.16 3.08
CA ASN A 163 3.91 -28.97 2.31
C ASN A 163 2.91 -28.82 1.16
N HIS A 164 1.65 -29.14 1.41
CA HIS A 164 0.61 -29.12 0.40
C HIS A 164 -0.24 -27.87 0.54
N LEU A 165 -0.52 -27.22 -0.59
CA LEU A 165 -1.39 -26.06 -0.65
C LEU A 165 -2.69 -26.46 -1.34
N ILE A 166 -3.80 -26.29 -0.64
CA ILE A 166 -5.12 -26.69 -1.12
C ILE A 166 -5.93 -25.42 -1.37
N PHE A 167 -6.41 -25.26 -2.61
CA PHE A 167 -7.28 -24.15 -2.95
C PHE A 167 -8.73 -24.54 -2.75
N ASN A 168 -9.54 -23.61 -2.26
CA ASN A 168 -10.94 -23.87 -2.02
C ASN A 168 -11.72 -22.56 -2.15
N LEU A 169 -12.93 -22.66 -2.66
CA LEU A 169 -13.79 -21.50 -2.85
C LEU A 169 -15.14 -21.61 -2.17
N TYR A 170 -15.71 -22.82 -2.10
CA TYR A 170 -16.99 -23.04 -1.45
C TYR A 170 -16.89 -24.19 -0.48
N SER A 171 -17.68 -24.13 0.58
CA SER A 171 -17.72 -25.20 1.57
C SER A 171 -19.04 -25.12 2.33
N GLY A 172 -19.39 -26.22 2.97
CA GLY A 172 -20.55 -26.25 3.84
C GLY A 172 -21.78 -26.82 3.15
N THR A 173 -22.70 -27.31 3.97
CA THR A 173 -23.95 -27.87 3.51
C THR A 173 -25.05 -26.82 3.63
N TRP A 174 -26.25 -27.17 3.18
CA TRP A 174 -27.36 -26.21 3.24
C TRP A 174 -27.74 -25.82 4.67
N PRO A 175 -27.97 -26.74 5.61
CA PRO A 175 -28.43 -26.32 6.95
C PRO A 175 -27.48 -25.38 7.65
N ASP A 176 -26.17 -25.56 7.47
CA ASP A 176 -25.18 -24.71 8.14
C ASP A 176 -23.93 -24.71 7.27
N TYR A 177 -23.64 -23.59 6.62
CA TYR A 177 -22.51 -23.48 5.71
C TYR A 177 -21.23 -23.28 6.52
N THR A 178 -20.71 -24.39 7.03
CA THR A 178 -19.47 -24.38 7.78
C THR A 178 -18.28 -24.57 6.83
N GLU A 179 -17.10 -24.80 7.39
CA GLU A 179 -15.90 -25.05 6.58
C GLU A 179 -15.71 -26.54 6.32
N ASP A 180 -16.75 -27.19 5.79
CA ASP A 180 -16.72 -28.62 5.51
C ASP A 180 -15.94 -28.86 4.22
N VAL A 181 -14.61 -28.87 4.34
CA VAL A 181 -13.76 -29.20 3.21
C VAL A 181 -13.91 -30.67 2.84
N GLY A 182 -14.42 -31.49 3.74
CA GLY A 182 -14.66 -32.90 3.48
C GLY A 182 -13.53 -33.81 3.88
N PHE A 183 -12.42 -33.77 3.15
CA PHE A 183 -11.32 -34.69 3.41
C PHE A 183 -10.38 -34.13 4.48
N ASP A 184 -9.62 -35.03 5.09
CA ASP A 184 -8.69 -34.66 6.15
C ASP A 184 -7.54 -33.86 5.55
N ILE A 185 -7.55 -32.55 5.79
CA ILE A 185 -6.47 -31.70 5.31
C ILE A 185 -5.16 -32.07 6.01
N GLY A 186 -5.22 -32.30 7.31
CA GLY A 186 -4.02 -32.65 8.05
C GLY A 186 -3.21 -31.43 8.38
N GLN A 187 -1.94 -31.44 7.99
CA GLN A 187 -1.04 -30.33 8.22
C GLN A 187 -0.94 -29.38 7.04
N ALA A 188 -1.69 -29.64 5.97
CA ALA A 188 -1.63 -28.78 4.79
C ALA A 188 -2.31 -27.44 5.06
N MET A 189 -1.86 -26.42 4.35
CA MET A 189 -2.44 -25.09 4.43
C MET A 189 -3.46 -24.92 3.31
N LEU A 190 -4.61 -24.34 3.66
CA LEU A 190 -5.72 -24.19 2.71
C LEU A 190 -5.92 -22.71 2.39
N ALA A 191 -5.97 -22.41 1.10
CA ALA A 191 -6.24 -21.05 0.63
C ALA A 191 -7.74 -20.91 0.34
N LYS A 192 -8.51 -20.93 1.42
CA LYS A 192 -9.96 -20.89 1.32
C LYS A 192 -10.44 -19.47 1.02
N ALA A 193 -11.60 -19.37 0.38
CA ALA A 193 -12.12 -18.08 -0.04
C ALA A 193 -12.77 -17.33 1.11
N SER A 194 -13.83 -17.90 1.69
CA SER A 194 -14.56 -17.27 2.79
C SER A 194 -14.13 -17.94 4.09
N ILE A 195 -13.20 -17.28 4.81
CA ILE A 195 -12.64 -17.81 6.04
C ILE A 195 -13.09 -16.92 7.20
N SER A 196 -13.66 -17.53 8.23
CA SER A 196 -13.97 -16.81 9.44
C SER A 196 -12.68 -16.58 10.22
N THR A 197 -12.60 -15.42 10.88
CA THR A 197 -11.38 -15.08 11.59
C THR A 197 -11.14 -15.99 12.78
N GLU A 198 -12.20 -16.55 13.35
CA GLU A 198 -12.05 -17.48 14.47
C GLU A 198 -11.53 -18.84 14.02
N ASN A 199 -11.54 -19.12 12.72
CA ASN A 199 -11.06 -20.39 12.18
C ASN A 199 -9.94 -20.18 11.18
N PHE A 200 -9.17 -19.10 11.34
CA PHE A 200 -8.11 -18.75 10.42
C PHE A 200 -6.77 -18.84 11.14
N ARG A 201 -5.83 -19.56 10.55
CA ARG A 201 -4.49 -19.63 11.10
C ARG A 201 -3.73 -18.34 10.77
N PRO A 202 -3.25 -17.60 11.77
CA PRO A 202 -2.75 -16.24 11.52
C PRO A 202 -1.63 -16.15 10.50
N ASN A 203 -0.70 -17.10 10.48
CA ASN A 203 0.44 -17.03 9.57
C ASN A 203 0.57 -18.28 8.73
N PHE A 204 -0.46 -19.11 8.66
CA PHE A 204 -0.40 -20.36 7.90
C PHE A 204 -1.35 -20.36 6.72
N ASP A 205 -2.62 -20.04 6.94
CA ASP A 205 -3.60 -20.02 5.86
C ASP A 205 -3.53 -18.70 5.11
N VAL A 206 -4.08 -18.72 3.89
CA VAL A 206 -4.18 -17.53 3.05
C VAL A 206 -5.64 -17.35 2.66
N SER A 207 -6.17 -16.16 2.91
CA SER A 207 -7.53 -15.82 2.52
C SER A 207 -7.53 -15.28 1.10
N ILE A 208 -8.27 -15.91 0.21
CA ILE A 208 -8.28 -15.55 -1.20
C ILE A 208 -9.67 -15.05 -1.56
N PRO A 209 -9.78 -14.25 -2.62
CA PRO A 209 -11.11 -13.80 -3.06
C PRO A 209 -11.92 -14.94 -3.67
N LEU A 210 -13.23 -14.76 -3.63
CA LEU A 210 -14.18 -15.70 -4.24
C LEU A 210 -14.47 -15.23 -5.65
N PHE A 211 -13.91 -15.91 -6.65
CA PHE A 211 -14.05 -15.53 -8.04
C PHE A 211 -15.01 -16.46 -8.76
N SER A 212 -15.56 -15.96 -9.86
CA SER A 212 -16.55 -16.69 -10.65
C SER A 212 -15.87 -17.67 -11.61
N LYS A 213 -16.70 -18.52 -12.21
CA LYS A 213 -16.20 -19.43 -13.25
C LYS A 213 -15.79 -18.68 -14.50
N ASP A 214 -16.29 -17.47 -14.71
CA ASP A 214 -15.94 -16.65 -15.86
C ASP A 214 -14.88 -15.61 -15.53
N HIS A 215 -14.28 -15.68 -14.34
CA HIS A 215 -13.22 -14.75 -13.97
C HIS A 215 -12.03 -14.95 -14.90
N PRO A 216 -11.44 -13.87 -15.42
CA PRO A 216 -10.41 -14.03 -16.46
C PRO A 216 -9.19 -14.80 -15.97
N ARG A 217 -8.65 -15.64 -16.85
CA ARG A 217 -7.43 -16.37 -16.51
C ARG A 217 -6.22 -15.46 -16.54
N THR A 218 -6.10 -14.63 -17.58
CA THR A 218 -4.99 -13.71 -17.72
C THR A 218 -5.53 -12.35 -18.15
N GLY A 219 -4.69 -11.33 -18.00
CA GLY A 219 -5.13 -10.00 -18.33
C GLY A 219 -6.09 -9.44 -17.29
N GLY A 220 -6.94 -8.52 -17.72
CA GLY A 220 -7.90 -7.93 -16.81
C GLY A 220 -8.80 -6.96 -17.54
N GLU A 221 -9.75 -6.41 -16.79
CA GLU A 221 -10.73 -5.47 -17.32
C GLU A 221 -10.33 -4.02 -17.14
N ARG A 222 -9.13 -3.75 -16.58
CA ARG A 222 -8.57 -2.41 -16.45
C ARG A 222 -9.40 -1.49 -15.56
N GLY A 223 -10.24 -2.06 -14.70
CA GLY A 223 -11.00 -1.23 -13.78
C GLY A 223 -12.08 -0.42 -14.45
N PHE A 224 -12.60 0.55 -13.71
CA PHE A 224 -13.68 1.41 -14.19
C PHE A 224 -13.41 2.90 -14.03
N LEU A 225 -12.66 3.29 -13.00
CA LEU A 225 -12.46 4.70 -12.68
C LEU A 225 -11.52 5.36 -13.68
N LYS A 226 -12.07 5.85 -14.80
CA LYS A 226 -11.25 6.56 -15.76
C LYS A 226 -10.95 7.99 -15.34
N PHE A 227 -11.86 8.62 -14.60
CA PHE A 227 -11.69 9.99 -14.13
C PHE A 227 -11.69 10.01 -12.61
N ASN A 228 -10.78 10.78 -12.02
CA ASN A 228 -10.76 10.99 -10.58
C ASN A 228 -11.40 12.34 -10.30
N THR A 229 -12.67 12.33 -9.92
CA THR A 229 -13.48 13.54 -9.84
C THR A 229 -13.59 14.02 -8.41
N ILE A 230 -13.54 15.34 -8.24
CA ILE A 230 -13.81 15.94 -6.93
C ILE A 230 -15.06 16.82 -7.05
N PRO A 231 -15.97 16.80 -6.07
CA PRO A 231 -15.90 15.94 -4.88
C PRO A 231 -16.07 14.47 -5.22
N PRO A 232 -15.40 13.60 -4.48
CA PRO A 232 -15.49 12.16 -4.77
C PRO A 232 -16.85 11.60 -4.38
N LEU A 233 -17.90 12.12 -5.01
CA LEU A 233 -19.27 11.69 -4.75
C LEU A 233 -19.99 11.47 -6.07
N ARG A 234 -21.13 10.82 -5.99
CA ARG A 234 -21.92 10.45 -7.17
C ARG A 234 -23.38 10.68 -6.84
N LYS A 235 -24.27 10.14 -7.68
CA LYS A 235 -25.70 10.39 -7.50
C LYS A 235 -26.22 9.75 -6.22
N TYR A 236 -25.81 8.53 -5.90
CA TYR A 236 -26.28 7.97 -4.62
C TYR A 236 -25.14 7.84 -3.63
N MET A 237 -25.43 7.22 -2.51
CA MET A 237 -24.32 6.99 -1.57
C MET A 237 -24.19 5.49 -1.38
N LEU A 238 -24.99 4.89 -0.53
CA LEU A 238 -24.94 3.43 -0.25
C LEU A 238 -25.92 2.69 -1.17
N VAL A 239 -25.45 1.65 -1.88
CA VAL A 239 -26.29 0.88 -2.84
C VAL A 239 -26.19 -0.62 -2.56
N PHE A 240 -27.24 -1.38 -2.84
CA PHE A 240 -27.23 -2.86 -2.70
C PHE A 240 -28.43 -3.43 -3.46
N LYS A 241 -28.19 -4.22 -4.51
CA LYS A 241 -29.30 -4.89 -5.20
C LYS A 241 -29.02 -6.39 -5.15
N GLY A 242 -29.53 -7.06 -4.13
CA GLY A 242 -29.26 -8.48 -3.98
C GLY A 242 -30.43 -9.17 -3.32
N LYS A 243 -30.39 -10.50 -3.37
CA LYS A 243 -31.50 -11.29 -2.88
C LYS A 243 -31.55 -11.27 -1.37
N ARG A 244 -32.76 -11.17 -0.83
CA ARG A 244 -33.02 -11.38 0.59
C ARG A 244 -33.62 -12.77 0.76
N TYR A 245 -33.12 -13.50 1.75
CA TYR A 245 -33.51 -14.89 1.95
C TYR A 245 -34.53 -14.96 3.08
N LEU A 246 -35.70 -15.54 2.78
CA LEU A 246 -36.77 -15.59 3.78
C LEU A 246 -36.46 -16.60 4.87
N THR A 247 -35.86 -17.74 4.51
CA THR A 247 -35.49 -18.77 5.47
C THR A 247 -34.05 -19.18 5.24
N GLY A 248 -33.37 -19.54 6.33
CA GLY A 248 -32.00 -19.98 6.28
C GLY A 248 -31.16 -19.25 7.31
N ILE A 249 -29.86 -19.21 7.06
CA ILE A 249 -28.89 -18.58 7.94
C ILE A 249 -28.12 -17.54 7.15
N GLY A 250 -27.93 -16.37 7.75
CA GLY A 250 -27.12 -15.32 7.15
C GLY A 250 -27.88 -14.27 6.39
N SER A 251 -29.20 -14.23 6.49
CA SER A 251 -30.02 -13.24 5.80
C SER A 251 -30.51 -12.13 6.71
N ASP A 252 -30.04 -12.09 7.96
CA ASP A 252 -30.52 -11.09 8.90
C ASP A 252 -30.16 -9.67 8.45
N THR A 253 -28.89 -9.47 8.07
CA THR A 253 -28.44 -8.14 7.65
C THR A 253 -29.17 -7.68 6.40
N ARG A 254 -29.36 -8.57 5.43
CA ARG A 254 -30.05 -8.19 4.20
C ARG A 254 -31.52 -7.93 4.45
N ASN A 255 -32.16 -8.72 5.30
CA ASN A 255 -33.57 -8.49 5.62
C ASN A 255 -33.77 -7.21 6.41
N ALA A 256 -32.77 -6.79 7.18
CA ALA A 256 -32.89 -5.57 7.99
C ALA A 256 -32.41 -4.32 7.27
N LEU A 257 -32.43 -4.30 5.92
CA LEU A 257 -31.99 -3.14 5.18
C LEU A 257 -33.12 -2.16 4.87
N TYR A 258 -34.37 -2.62 4.87
CA TYR A 258 -35.49 -1.71 4.68
C TYR A 258 -35.59 -0.69 5.81
N HIS A 259 -35.02 -0.98 6.97
CA HIS A 259 -35.02 -0.02 8.07
C HIS A 259 -34.24 1.23 7.70
N VAL A 260 -33.13 1.07 6.98
CA VAL A 260 -32.29 2.21 6.61
C VAL A 260 -32.47 2.62 5.16
N HIS A 261 -33.31 1.91 4.40
CA HIS A 261 -33.63 2.34 3.04
C HIS A 261 -34.21 3.76 3.04
N ASN A 262 -33.74 4.57 2.09
CA ASN A 262 -34.09 5.99 2.02
C ASN A 262 -34.33 6.33 0.56
N GLY A 263 -34.32 7.62 0.25
CA GLY A 263 -34.54 8.07 -1.11
C GLY A 263 -33.31 7.88 -1.97
N GLU A 264 -33.01 8.85 -2.85
CA GLU A 264 -31.87 8.70 -3.73
C GLU A 264 -30.58 9.12 -3.03
N ASP A 265 -30.39 8.63 -1.82
CA ASP A 265 -29.13 8.71 -1.09
C ASP A 265 -28.69 7.37 -0.55
N VAL A 266 -29.62 6.55 -0.06
CA VAL A 266 -29.34 5.20 0.40
C VAL A 266 -30.44 4.33 -0.20
N VAL A 267 -30.18 3.76 -1.36
CA VAL A 267 -31.17 2.94 -2.08
C VAL A 267 -30.76 1.48 -1.92
N LEU A 268 -31.57 0.73 -1.20
CA LEU A 268 -31.28 -0.66 -0.87
C LEU A 268 -32.42 -1.52 -1.41
N LEU A 269 -32.12 -2.31 -2.44
CA LEU A 269 -33.10 -3.16 -3.10
C LEU A 269 -32.92 -4.61 -2.68
N THR A 270 -34.03 -5.33 -2.58
CA THR A 270 -34.02 -6.73 -2.19
C THR A 270 -34.96 -7.51 -3.06
N THR A 271 -34.69 -8.82 -3.19
CA THR A 271 -35.52 -9.74 -3.95
C THR A 271 -35.78 -10.98 -3.10
N CYS A 272 -37.05 -11.39 -3.05
CA CYS A 272 -37.45 -12.56 -2.29
C CYS A 272 -37.54 -13.82 -3.16
N LYS A 273 -37.33 -13.70 -4.47
CA LYS A 273 -37.47 -14.84 -5.39
C LYS A 273 -36.24 -15.72 -5.28
N HIS A 274 -36.24 -16.59 -4.27
CA HIS A 274 -35.18 -17.56 -4.06
C HIS A 274 -35.74 -18.97 -4.21
N GLY A 275 -35.13 -19.75 -5.08
CA GLY A 275 -35.59 -21.12 -5.28
C GLY A 275 -36.97 -21.16 -5.91
N LYS A 276 -37.77 -22.12 -5.47
CA LYS A 276 -39.12 -22.30 -6.00
C LYS A 276 -40.21 -22.35 -4.93
N ASP A 277 -39.86 -22.54 -3.65
CA ASP A 277 -40.84 -22.61 -2.57
C ASP A 277 -40.90 -21.32 -1.76
N TRP A 278 -40.35 -20.23 -2.30
CA TRP A 278 -40.36 -18.96 -1.58
C TRP A 278 -41.76 -18.38 -1.42
N GLN A 279 -42.70 -18.79 -2.26
CA GLN A 279 -44.06 -18.26 -2.18
C GLN A 279 -44.71 -18.61 -0.84
N LYS A 280 -44.47 -19.81 -0.35
CA LYS A 280 -45.10 -20.23 0.91
C LYS A 280 -44.58 -19.40 2.09
N HIS A 281 -43.30 -19.03 2.07
CA HIS A 281 -42.68 -18.34 3.18
C HIS A 281 -42.64 -16.82 3.02
N LYS A 282 -43.26 -16.29 1.96
CA LYS A 282 -43.21 -14.86 1.73
C LYS A 282 -44.09 -14.11 2.72
N ASP A 283 -43.86 -12.80 2.79
CA ASP A 283 -44.64 -11.93 3.66
C ASP A 283 -45.23 -10.76 2.89
N SER A 284 -45.80 -9.78 3.60
CA SER A 284 -46.40 -8.64 2.93
C SER A 284 -45.36 -7.68 2.37
N ARG A 285 -44.12 -7.74 2.86
CA ARG A 285 -43.10 -6.81 2.40
C ARG A 285 -42.59 -7.17 1.01
N CYS A 286 -42.58 -8.46 0.67
CA CYS A 286 -41.97 -8.88 -0.59
C CYS A 286 -42.75 -8.38 -1.80
N ASP A 287 -44.06 -8.17 -1.65
CA ASP A 287 -44.88 -7.76 -2.80
C ASP A 287 -44.44 -6.39 -3.32
N ARG A 288 -44.18 -5.45 -2.41
CA ARG A 288 -43.76 -4.12 -2.85
C ARG A 288 -42.31 -4.14 -3.33
N ASP A 289 -41.46 -4.95 -2.70
CA ASP A 289 -40.04 -4.95 -3.02
C ASP A 289 -39.80 -5.41 -4.46
N ASN A 290 -40.53 -6.43 -4.92
CA ASN A 290 -40.25 -7.00 -6.23
C ASN A 290 -40.48 -5.99 -7.34
N THR A 291 -41.57 -5.22 -7.27
CA THR A 291 -41.84 -4.22 -8.30
C THR A 291 -40.79 -3.13 -8.31
N GLU A 292 -40.39 -2.64 -7.14
CA GLU A 292 -39.35 -1.62 -7.06
C GLU A 292 -37.97 -2.20 -7.32
N TYR A 293 -37.81 -3.52 -7.22
CA TYR A 293 -36.52 -4.14 -7.50
C TYR A 293 -36.14 -3.97 -8.96
N GLU A 294 -37.11 -4.04 -9.87
CA GLU A 294 -36.85 -3.98 -11.30
C GLU A 294 -36.79 -2.55 -11.83
N LYS A 295 -36.52 -1.57 -10.97
CA LYS A 295 -36.42 -0.18 -11.40
C LYS A 295 -35.01 0.16 -11.89
N TYR A 296 -34.00 -0.17 -11.10
CA TYR A 296 -32.62 0.19 -11.40
C TYR A 296 -31.83 -1.02 -11.87
N ASP A 297 -30.89 -0.79 -12.78
CA ASP A 297 -29.99 -1.83 -13.20
C ASP A 297 -28.85 -1.99 -12.20
N TYR A 298 -28.45 -3.24 -11.96
CA TYR A 298 -27.46 -3.51 -10.93
C TYR A 298 -26.09 -2.97 -11.32
N ARG A 299 -25.65 -3.23 -12.55
CA ARG A 299 -24.35 -2.74 -12.99
C ARG A 299 -24.32 -1.22 -13.03
N GLU A 300 -25.41 -0.60 -13.48
CA GLU A 300 -25.49 0.86 -13.48
C GLU A 300 -25.47 1.41 -12.06
N MET A 301 -26.19 0.76 -11.15
CA MET A 301 -26.30 1.26 -9.78
C MET A 301 -24.94 1.29 -9.09
N LEU A 302 -24.12 0.26 -9.31
CA LEU A 302 -22.78 0.24 -8.73
C LEU A 302 -21.89 1.34 -9.31
N HIS A 303 -22.24 1.88 -10.47
CA HIS A 303 -21.44 2.93 -11.10
C HIS A 303 -21.90 4.34 -10.75
N ASN A 304 -23.14 4.50 -10.27
CA ASN A 304 -23.62 5.78 -9.77
C ASN A 304 -23.51 5.87 -8.26
N ALA A 305 -22.75 4.99 -7.63
CA ALA A 305 -22.68 4.89 -6.18
C ALA A 305 -21.29 5.20 -5.67
N THR A 306 -21.23 5.72 -4.45
CA THR A 306 -19.97 6.00 -3.78
C THR A 306 -19.52 4.85 -2.91
N PHE A 307 -20.41 4.34 -2.07
CA PHE A 307 -20.12 3.22 -1.17
C PHE A 307 -20.99 2.04 -1.57
N CYS A 308 -20.36 0.90 -1.84
CA CYS A 308 -21.06 -0.31 -2.25
C CYS A 308 -21.15 -1.25 -1.06
N LEU A 309 -22.37 -1.48 -0.58
CA LEU A 309 -22.59 -2.40 0.53
C LEU A 309 -22.35 -3.83 0.07
N VAL A 310 -21.54 -4.56 0.83
CA VAL A 310 -21.23 -5.95 0.51
C VAL A 310 -21.54 -6.79 1.74
N PRO A 311 -22.79 -7.12 2.00
CA PRO A 311 -23.15 -7.82 3.23
C PRO A 311 -22.89 -9.32 3.09
N ARG A 312 -23.28 -10.05 4.14
CA ARG A 312 -23.11 -11.49 4.21
C ARG A 312 -24.39 -12.16 3.71
N GLY A 313 -24.24 -13.09 2.76
CA GLY A 313 -25.35 -13.90 2.32
C GLY A 313 -25.35 -15.24 3.00
N ARG A 314 -25.37 -16.31 2.21
CA ARG A 314 -25.22 -17.65 2.80
C ARG A 314 -23.84 -17.81 3.43
N ARG A 315 -22.80 -17.32 2.76
CA ARG A 315 -21.43 -17.44 3.23
C ARG A 315 -20.84 -16.04 3.43
N LEU A 316 -19.71 -15.99 4.13
CA LEU A 316 -19.08 -14.72 4.46
C LEU A 316 -18.66 -13.97 3.21
N GLY A 317 -18.01 -14.66 2.28
CA GLY A 317 -17.59 -14.02 1.06
C GLY A 317 -18.70 -13.95 0.03
N SER A 318 -18.49 -13.10 -0.97
CA SER A 318 -19.47 -12.96 -2.04
C SER A 318 -18.78 -12.39 -3.26
N PHE A 319 -19.41 -12.60 -4.43
CA PHE A 319 -18.88 -12.05 -5.66
C PHE A 319 -18.98 -10.54 -5.71
N ARG A 320 -19.81 -9.95 -4.85
CA ARG A 320 -20.03 -8.51 -4.87
C ARG A 320 -18.80 -7.72 -4.44
N PHE A 321 -17.90 -8.33 -3.66
CA PHE A 321 -16.68 -7.61 -3.26
C PHE A 321 -15.82 -7.27 -4.47
N LEU A 322 -15.59 -8.25 -5.35
CA LEU A 322 -14.81 -8.00 -6.55
C LEU A 322 -15.54 -7.05 -7.48
N GLU A 323 -16.87 -7.06 -7.46
CA GLU A 323 -17.64 -6.11 -8.30
C GLU A 323 -17.55 -4.70 -7.72
N ALA A 324 -17.47 -4.58 -6.41
CA ALA A 324 -17.31 -3.26 -5.75
C ALA A 324 -15.95 -2.68 -6.10
N LEU A 325 -14.95 -3.53 -6.31
CA LEU A 325 -13.60 -3.02 -6.56
C LEU A 325 -13.46 -2.70 -8.02
N GLN A 326 -14.13 -3.44 -8.85
CA GLN A 326 -14.09 -3.10 -10.27
C GLN A 326 -14.81 -1.77 -10.46
N ALA A 327 -15.89 -1.54 -9.72
CA ALA A 327 -16.69 -0.33 -9.97
C ALA A 327 -16.05 0.88 -9.32
N ALA A 328 -14.96 0.66 -8.58
CA ALA A 328 -14.26 1.72 -7.86
C ALA A 328 -15.04 2.24 -6.66
N CYS A 329 -16.24 1.75 -6.41
CA CYS A 329 -16.94 2.16 -5.21
C CYS A 329 -16.30 1.52 -3.99
N VAL A 330 -16.20 2.29 -2.91
CA VAL A 330 -15.55 1.81 -1.69
C VAL A 330 -16.49 0.81 -1.01
N PRO A 331 -16.09 -0.44 -0.86
CA PRO A 331 -17.00 -1.43 -0.27
C PRO A 331 -17.12 -1.27 1.23
N VAL A 332 -18.36 -1.36 1.71
CA VAL A 332 -18.63 -1.35 3.14
C VAL A 332 -19.05 -2.75 3.56
N MET A 333 -18.08 -3.56 3.97
CA MET A 333 -18.38 -4.94 4.32
C MET A 333 -19.23 -5.00 5.58
N LEU A 334 -20.21 -5.89 5.58
CA LEU A 334 -21.05 -6.14 6.74
C LEU A 334 -20.83 -7.51 7.35
N SER A 335 -20.13 -8.41 6.66
CA SER A 335 -19.91 -9.76 7.17
C SER A 335 -19.01 -9.71 8.40
N ASN A 336 -19.54 -10.17 9.53
CA ASN A 336 -18.75 -10.19 10.75
C ASN A 336 -17.68 -11.28 10.67
N GLY A 337 -16.47 -10.92 11.09
CA GLY A 337 -15.40 -11.89 11.20
C GLY A 337 -15.00 -12.54 9.89
N TRP A 338 -14.88 -11.75 8.84
CA TRP A 338 -14.45 -12.24 7.53
C TRP A 338 -12.99 -11.84 7.34
N GLU A 339 -12.11 -12.84 7.26
CA GLU A 339 -10.73 -12.59 6.90
C GLU A 339 -10.66 -12.11 5.47
N LEU A 340 -10.40 -10.82 5.27
CA LEU A 340 -10.48 -10.24 3.94
C LEU A 340 -9.39 -10.81 3.04
N PRO A 341 -9.61 -10.82 1.73
CA PRO A 341 -8.62 -11.40 0.82
C PRO A 341 -7.24 -10.78 1.00
N PHE A 342 -6.27 -11.65 1.29
CA PHE A 342 -4.88 -11.25 1.50
C PHE A 342 -4.75 -10.24 2.62
N SER A 343 -5.46 -10.51 3.73
CA SER A 343 -5.47 -9.57 4.85
C SER A 343 -4.11 -9.47 5.53
N GLU A 344 -3.35 -10.56 5.56
CA GLU A 344 -2.08 -10.56 6.26
C GLU A 344 -1.04 -9.68 5.60
N VAL A 345 -1.21 -9.35 4.32
CA VAL A 345 -0.27 -8.49 3.62
C VAL A 345 -0.89 -7.19 3.15
N ILE A 346 -2.21 -7.11 2.97
CA ILE A 346 -2.87 -5.92 2.45
C ILE A 346 -3.57 -5.21 3.59
N ASN A 347 -3.38 -3.89 3.68
CA ASN A 347 -4.09 -3.06 4.64
C ASN A 347 -5.45 -2.72 4.06
N TRP A 348 -6.51 -3.20 4.70
CA TRP A 348 -7.87 -3.01 4.19
C TRP A 348 -8.55 -1.76 4.74
N ASN A 349 -7.86 -0.97 5.54
CA ASN A 349 -8.37 0.33 5.95
C ASN A 349 -8.04 1.44 4.96
N GLN A 350 -7.31 1.12 3.89
CA GLN A 350 -6.98 2.09 2.87
C GLN A 350 -7.86 1.98 1.63
N ALA A 351 -8.36 0.79 1.32
CA ALA A 351 -9.17 0.58 0.12
C ALA A 351 -10.63 0.30 0.41
N ALA A 352 -11.02 0.17 1.67
CA ALA A 352 -12.39 -0.18 1.99
C ALA A 352 -12.74 0.33 3.37
N VAL A 353 -14.05 0.40 3.65
CA VAL A 353 -14.57 0.78 4.95
C VAL A 353 -15.15 -0.48 5.59
N ILE A 354 -14.64 -0.83 6.76
CA ILE A 354 -15.07 -2.02 7.47
C ILE A 354 -16.00 -1.58 8.60
N GLY A 355 -17.24 -2.02 8.55
CA GLY A 355 -18.22 -1.65 9.55
C GLY A 355 -18.98 -2.85 10.03
N ASP A 356 -19.21 -2.89 11.35
CA ASP A 356 -19.93 -4.01 11.94
C ASP A 356 -21.39 -3.98 11.49
N GLU A 357 -21.93 -5.16 11.22
CA GLU A 357 -23.34 -5.26 10.87
C GLU A 357 -24.26 -5.11 12.07
N ARG A 358 -23.72 -5.22 13.29
CA ARG A 358 -24.55 -5.00 14.48
C ARG A 358 -24.99 -3.55 14.59
N LEU A 359 -24.14 -2.61 14.20
CA LEU A 359 -24.51 -1.20 14.14
C LEU A 359 -25.01 -0.82 12.75
N LEU A 360 -25.98 -1.59 12.24
CA LEU A 360 -26.43 -1.43 10.87
C LEU A 360 -27.22 -0.13 10.69
N LEU A 361 -28.02 0.25 11.68
CA LEU A 361 -28.91 1.39 11.52
C LEU A 361 -28.14 2.69 11.30
N GLN A 362 -27.06 2.90 12.05
CA GLN A 362 -26.29 4.13 11.96
C GLN A 362 -25.12 4.02 10.99
N ILE A 363 -25.16 3.04 10.09
CA ILE A 363 -24.12 2.96 9.05
C ILE A 363 -24.14 4.17 8.12
N PRO A 364 -25.29 4.62 7.59
CA PRO A 364 -25.25 5.78 6.67
C PRO A 364 -24.68 7.04 7.31
N SER A 365 -24.96 7.29 8.58
CA SER A 365 -24.37 8.44 9.25
C SER A 365 -22.86 8.31 9.33
N THR A 366 -22.38 7.10 9.64
CA THR A 366 -20.93 6.85 9.66
C THR A 366 -20.32 7.09 8.29
N ILE A 367 -21.01 6.65 7.24
CA ILE A 367 -20.52 6.85 5.88
C ILE A 367 -20.47 8.34 5.55
N ARG A 368 -21.47 9.10 5.98
CA ARG A 368 -21.48 10.54 5.75
C ARG A 368 -20.33 11.21 6.49
N SER A 369 -19.99 10.71 7.68
CA SER A 369 -18.91 11.30 8.46
C SER A 369 -17.56 11.18 7.78
N ILE A 370 -17.42 10.30 6.77
CA ILE A 370 -16.14 10.10 6.12
C ILE A 370 -15.80 11.32 5.28
N HIS A 371 -14.60 11.85 5.48
CA HIS A 371 -14.18 13.07 4.81
C HIS A 371 -13.95 12.80 3.33
N GLN A 372 -13.98 13.89 2.54
CA GLN A 372 -13.84 13.76 1.10
C GLN A 372 -12.45 13.27 0.71
N ASP A 373 -11.41 13.76 1.39
CA ASP A 373 -10.06 13.29 1.10
C ASP A 373 -9.92 11.81 1.42
N LYS A 374 -10.55 11.37 2.52
CA LYS A 374 -10.57 9.95 2.85
C LYS A 374 -11.27 9.14 1.77
N ILE A 375 -12.38 9.66 1.23
CA ILE A 375 -13.10 8.97 0.16
C ILE A 375 -12.23 8.87 -1.08
N LEU A 376 -11.52 9.95 -1.42
CA LEU A 376 -10.65 9.93 -2.58
C LEU A 376 -9.55 8.89 -2.44
N ALA A 377 -8.93 8.83 -1.25
CA ALA A 377 -7.88 7.86 -1.01
C ALA A 377 -8.43 6.43 -1.05
N LEU A 378 -9.60 6.21 -0.46
CA LEU A 378 -10.19 4.87 -0.47
C LEU A 378 -10.51 4.42 -1.89
N ARG A 379 -11.09 5.31 -2.70
CA ARG A 379 -11.45 4.94 -4.06
C ARG A 379 -10.21 4.60 -4.88
N GLN A 380 -9.17 5.44 -4.80
CA GLN A 380 -7.96 5.17 -5.56
C GLN A 380 -7.29 3.88 -5.08
N GLN A 381 -7.28 3.64 -3.76
CA GLN A 381 -6.68 2.41 -3.25
C GLN A 381 -7.46 1.18 -3.69
N THR A 382 -8.80 1.28 -3.73
CA THR A 382 -9.62 0.21 -4.26
C THR A 382 -9.24 -0.11 -5.70
N GLN A 383 -9.09 0.93 -6.52
CA GLN A 383 -8.72 0.73 -7.91
C GLN A 383 -7.36 0.02 -8.02
N PHE A 384 -6.37 0.52 -7.28
CA PHE A 384 -5.03 -0.07 -7.34
C PHE A 384 -5.05 -1.52 -6.86
N LEU A 385 -5.75 -1.79 -5.76
CA LEU A 385 -5.79 -3.14 -5.21
C LEU A 385 -6.42 -4.11 -6.19
N TRP A 386 -7.53 -3.69 -6.83
CA TRP A 386 -8.14 -4.53 -7.85
C TRP A 386 -7.17 -4.80 -9.00
N GLU A 387 -6.56 -3.74 -9.53
CA GLU A 387 -5.71 -3.91 -10.71
C GLU A 387 -4.40 -4.61 -10.38
N ALA A 388 -4.05 -4.76 -9.11
CA ALA A 388 -2.80 -5.41 -8.70
C ALA A 388 -3.00 -6.88 -8.31
N TYR A 389 -3.91 -7.15 -7.37
CA TYR A 389 -3.97 -8.46 -6.74
C TYR A 389 -5.25 -9.23 -7.03
N PHE A 390 -6.22 -8.66 -7.73
CA PHE A 390 -7.50 -9.32 -7.92
C PHE A 390 -8.00 -9.33 -9.36
N SER A 391 -7.25 -8.76 -10.31
CA SER A 391 -7.77 -8.59 -11.66
C SER A 391 -8.05 -9.94 -12.32
N SER A 392 -7.13 -10.89 -12.19
CA SER A 392 -7.29 -12.21 -12.82
C SER A 392 -6.88 -13.28 -11.84
N VAL A 393 -7.36 -14.50 -12.10
CA VAL A 393 -7.07 -15.63 -11.21
C VAL A 393 -5.58 -15.94 -11.19
N GLU A 394 -4.87 -15.63 -12.28
CA GLU A 394 -3.42 -15.76 -12.29
C GLU A 394 -2.80 -14.83 -11.25
N LYS A 395 -3.30 -13.61 -11.15
CA LYS A 395 -2.80 -12.69 -10.14
C LYS A 395 -3.09 -13.21 -8.73
N ILE A 396 -4.27 -13.80 -8.53
CA ILE A 396 -4.61 -14.34 -7.21
C ILE A 396 -3.67 -15.48 -6.84
N VAL A 397 -3.42 -16.39 -7.78
CA VAL A 397 -2.55 -17.53 -7.52
C VAL A 397 -1.12 -17.05 -7.25
N LEU A 398 -0.62 -16.12 -8.06
CA LEU A 398 0.72 -15.60 -7.82
C LEU A 398 0.81 -14.87 -6.49
N THR A 399 -0.24 -14.15 -6.09
CA THR A 399 -0.24 -13.48 -4.80
C THR A 399 -0.16 -14.50 -3.66
N THR A 400 -0.95 -15.57 -3.76
CA THR A 400 -0.92 -16.60 -2.73
C THR A 400 0.47 -17.24 -2.66
N LEU A 401 1.06 -17.52 -3.83
CA LEU A 401 2.37 -18.16 -3.85
C LEU A 401 3.45 -17.23 -3.29
N GLU A 402 3.38 -15.94 -3.60
CA GLU A 402 4.36 -14.99 -3.05
C GLU A 402 4.17 -14.81 -1.55
N ILE A 403 2.93 -14.84 -1.06
CA ILE A 403 2.70 -14.79 0.38
C ILE A 403 3.31 -16.02 1.05
N ILE A 404 3.15 -17.19 0.43
CA ILE A 404 3.82 -18.40 0.93
C ILE A 404 5.33 -18.20 0.94
N GLN A 405 5.88 -17.68 -0.15
CA GLN A 405 7.33 -17.53 -0.26
C GLN A 405 7.89 -16.55 0.76
N ASP A 406 7.11 -15.55 1.14
CA ASP A 406 7.56 -14.52 2.08
C ASP A 406 7.45 -14.97 3.54
N ARG A 407 7.43 -16.28 3.80
CA ARG A 407 7.48 -16.82 5.15
C ARG A 407 8.58 -17.84 5.36
N ILE A 408 9.31 -18.25 4.32
CA ILE A 408 10.39 -19.21 4.46
C ILE A 408 11.61 -18.50 5.04
N PHE A 409 12.10 -17.48 4.34
CA PHE A 409 13.22 -16.67 4.81
C PHE A 409 12.65 -15.33 5.26
N LYS A 410 12.52 -15.15 6.57
CA LYS A 410 11.95 -13.90 7.09
C LYS A 410 13.00 -12.82 7.26
N HIS A 411 13.87 -12.68 6.27
CA HIS A 411 14.76 -11.53 6.17
C HIS A 411 14.91 -11.12 4.71
N ILE A 412 14.30 -11.90 3.82
CA ILE A 412 14.36 -11.66 2.37
C ILE A 412 12.94 -11.51 1.87
N SER A 413 12.06 -10.94 2.70
CA SER A 413 10.64 -10.86 2.38
C SER A 413 10.24 -9.40 2.21
N ARG A 414 8.98 -9.18 1.85
CA ARG A 414 8.44 -7.87 1.54
C ARG A 414 7.83 -7.24 2.77
N ASN A 415 8.08 -5.94 2.95
CA ASN A 415 7.49 -5.21 4.06
C ASN A 415 6.07 -4.78 3.70
N SER A 416 5.37 -4.23 4.70
CA SER A 416 3.97 -3.85 4.52
C SER A 416 3.79 -2.67 3.58
N LEU A 417 4.85 -1.96 3.22
CA LEU A 417 4.73 -0.85 2.29
C LEU A 417 4.73 -1.31 0.84
N ILE A 418 5.39 -2.42 0.54
CA ILE A 418 5.43 -2.92 -0.83
C ILE A 418 4.07 -3.46 -1.25
N TRP A 419 3.39 -4.19 -0.35
CA TRP A 419 2.10 -4.76 -0.68
C TRP A 419 1.04 -3.68 -0.88
N ASN A 420 1.08 -2.63 -0.07
CA ASN A 420 0.01 -1.64 -0.04
C ASN A 420 0.34 -0.38 -0.83
N LYS A 421 1.34 -0.41 -1.69
CA LYS A 421 1.67 0.73 -2.53
C LYS A 421 2.06 0.24 -3.92
N HIS A 422 2.07 1.18 -4.85
CA HIS A 422 2.43 0.88 -6.24
C HIS A 422 3.88 0.39 -6.31
N PRO A 423 4.18 -0.54 -7.21
CA PRO A 423 3.34 -1.24 -8.18
C PRO A 423 2.68 -2.50 -7.62
N GLY A 424 3.01 -2.84 -6.39
CA GLY A 424 2.50 -4.03 -5.76
C GLY A 424 3.59 -5.07 -5.52
N GLY A 425 3.26 -6.05 -4.70
CA GLY A 425 4.22 -7.07 -4.31
C GLY A 425 4.54 -8.07 -5.40
N LEU A 426 3.65 -8.25 -6.38
CA LEU A 426 3.90 -9.21 -7.43
C LEU A 426 5.00 -8.76 -8.38
N PHE A 427 5.30 -7.47 -8.43
CA PHE A 427 6.39 -6.96 -9.24
C PHE A 427 7.60 -6.54 -8.42
N VAL A 428 7.52 -6.56 -7.10
CA VAL A 428 8.63 -6.24 -6.23
C VAL A 428 9.13 -7.53 -5.62
N LEU A 429 10.30 -8.00 -6.08
CA LEU A 429 10.85 -9.26 -5.63
C LEU A 429 11.90 -8.99 -4.55
N PRO A 430 11.66 -9.38 -3.31
CA PRO A 430 12.60 -9.05 -2.22
C PRO A 430 13.91 -9.81 -2.30
N GLN A 431 13.99 -10.87 -3.10
CA GLN A 431 15.26 -11.57 -3.26
C GLN A 431 16.32 -10.67 -3.86
N TYR A 432 15.91 -9.67 -4.63
CA TYR A 432 16.85 -8.66 -5.11
C TYR A 432 17.41 -7.84 -3.97
N SER A 433 16.53 -7.29 -3.13
CA SER A 433 16.90 -6.54 -1.94
C SER A 433 15.65 -6.24 -1.14
N SER A 434 15.79 -6.22 0.17
CA SER A 434 14.70 -5.83 1.05
C SER A 434 14.70 -4.34 1.38
N TYR A 435 15.67 -3.59 0.85
CA TYR A 435 15.79 -2.18 1.11
C TYR A 435 14.96 -1.40 0.09
N LEU A 436 14.01 -0.60 0.58
CA LEU A 436 13.12 0.13 -0.30
C LEU A 436 13.88 1.12 -1.17
N GLY A 437 15.06 1.55 -0.74
CA GLY A 437 15.86 2.46 -1.56
C GLY A 437 16.55 1.79 -2.73
N ASP A 438 16.55 0.47 -2.79
CA ASP A 438 17.11 -0.25 -3.91
C ASP A 438 16.13 -0.43 -5.06
N PHE A 439 14.90 0.08 -4.91
CA PHE A 439 13.86 0.03 -5.92
C PHE A 439 13.55 1.43 -6.44
N PRO A 440 13.10 1.56 -7.69
CA PRO A 440 12.80 2.89 -8.23
C PRO A 440 11.45 3.46 -7.84
N TYR A 441 10.67 2.77 -7.00
CA TYR A 441 9.29 3.18 -6.76
C TYR A 441 9.07 3.96 -5.48
N TYR A 442 9.98 3.86 -4.51
CA TYR A 442 9.72 4.34 -3.17
C TYR A 442 10.70 5.43 -2.75
N TYR A 443 10.98 6.37 -3.66
CA TYR A 443 11.80 7.52 -3.32
C TYR A 443 11.00 8.63 -2.65
N ALA A 444 9.80 8.91 -3.15
CA ALA A 444 8.98 9.96 -2.57
C ALA A 444 8.47 9.57 -1.19
N ASN A 445 8.13 8.29 -1.01
CA ASN A 445 7.61 7.85 0.30
C ASN A 445 8.67 8.00 1.37
N LEU A 446 9.93 7.68 1.05
CA LEU A 446 11.04 7.95 1.93
C LEU A 446 11.50 9.39 1.73
N GLY A 447 12.58 9.78 2.42
CA GLY A 447 13.13 11.09 2.23
C GLY A 447 14.37 11.05 1.39
N LEU A 448 14.36 10.21 0.35
CA LEU A 448 15.53 9.94 -0.46
C LEU A 448 15.40 10.61 -1.83
N LYS A 449 16.51 10.67 -2.53
CA LYS A 449 16.61 11.19 -3.89
C LYS A 449 17.16 10.10 -4.79
N PRO A 450 16.89 10.18 -6.09
CA PRO A 450 17.43 9.19 -7.02
C PRO A 450 18.94 9.22 -7.00
N PRO A 451 19.58 8.07 -7.21
CA PRO A 451 21.05 8.03 -7.21
C PRO A 451 21.62 8.90 -8.31
N SER A 452 22.78 9.50 -8.01
CA SER A 452 23.41 10.46 -8.92
C SER A 452 24.38 9.83 -9.89
N LYS A 453 24.71 8.55 -9.73
CA LYS A 453 25.65 7.87 -10.61
C LYS A 453 24.95 6.71 -11.30
N PHE A 454 25.41 6.38 -12.51
CA PHE A 454 24.87 5.26 -13.25
C PHE A 454 26.01 4.41 -13.82
N THR A 455 25.72 3.13 -13.99
CA THR A 455 26.65 2.17 -14.59
C THR A 455 26.27 1.96 -16.04
N ALA A 456 27.21 2.19 -16.95
CA ALA A 456 26.98 2.00 -18.37
C ALA A 456 27.28 0.56 -18.75
N VAL A 457 26.30 -0.11 -19.34
CA VAL A 457 26.43 -1.49 -19.78
C VAL A 457 26.35 -1.51 -21.30
N ILE A 458 27.41 -1.96 -21.95
CA ILE A 458 27.49 -1.99 -23.40
C ILE A 458 27.55 -3.45 -23.83
N HIS A 459 26.61 -3.87 -24.66
CA HIS A 459 26.59 -5.22 -25.20
C HIS A 459 27.19 -5.20 -26.60
N ALA A 460 28.31 -5.89 -26.77
CA ALA A 460 29.05 -5.91 -28.02
C ALA A 460 28.97 -7.28 -28.66
N VAL A 461 28.58 -7.32 -29.93
CA VAL A 461 28.46 -8.58 -30.65
C VAL A 461 29.65 -8.74 -31.60
N VAL A 476 31.59 1.64 -29.80
CA VAL A 476 32.70 2.10 -30.62
C VAL A 476 33.34 3.33 -30.00
N ALA A 477 32.64 4.46 -30.05
CA ALA A 477 33.14 5.68 -29.44
C ALA A 477 33.29 5.53 -27.94
N ALA A 478 32.18 5.29 -27.24
CA ALA A 478 32.17 5.08 -25.79
C ALA A 478 32.85 6.24 -25.07
N ALA A 479 32.55 7.46 -25.50
CA ALA A 479 33.13 8.67 -24.93
C ALA A 479 32.13 9.26 -23.95
N LYS A 480 32.35 9.02 -22.66
CA LYS A 480 31.50 9.56 -21.61
C LYS A 480 32.23 9.46 -20.29
N SER A 481 32.27 10.56 -19.55
CA SER A 481 32.91 10.60 -18.24
C SER A 481 32.00 11.14 -17.14
N GLN A 482 31.14 12.12 -17.46
CA GLN A 482 30.29 12.71 -16.45
C GLN A 482 29.18 11.75 -16.04
N TYR A 483 28.89 11.71 -14.74
CA TYR A 483 27.83 10.89 -14.16
C TYR A 483 28.07 9.40 -14.35
N CYS A 484 29.17 9.02 -15.00
CA CYS A 484 29.45 7.63 -15.36
C CYS A 484 30.43 7.06 -14.34
N ALA A 485 29.91 6.28 -13.40
CA ALA A 485 30.77 5.67 -12.39
C ALA A 485 31.65 4.58 -13.01
N GLN A 486 31.10 3.75 -13.88
CA GLN A 486 31.85 2.68 -14.50
C GLN A 486 31.21 2.31 -15.82
N ILE A 487 32.01 1.67 -16.68
CA ILE A 487 31.56 1.18 -17.97
C ILE A 487 31.80 -0.32 -18.03
N ILE A 488 30.76 -1.07 -18.38
CA ILE A 488 30.85 -2.51 -18.53
C ILE A 488 30.57 -2.85 -19.98
N VAL A 489 31.49 -3.57 -20.62
CA VAL A 489 31.35 -3.99 -22.00
C VAL A 489 31.22 -5.51 -22.02
N LEU A 490 30.14 -5.99 -22.62
CA LEU A 490 29.87 -7.43 -22.68
C LEU A 490 30.26 -7.96 -24.05
N TRP A 491 31.07 -9.01 -24.05
CA TRP A 491 31.55 -9.63 -25.28
C TRP A 491 31.00 -11.05 -25.37
N ASN A 492 30.41 -11.38 -26.51
CA ASN A 492 29.84 -12.71 -26.73
C ASN A 492 30.73 -13.55 -27.63
N ILE A 530 27.77 -4.30 -11.27
CA ILE A 530 26.94 -3.11 -11.19
C ILE A 530 26.72 -2.69 -9.75
N ILE A 531 27.08 -1.46 -9.43
CA ILE A 531 26.94 -0.91 -8.08
C ILE A 531 25.78 0.08 -8.01
N THR A 532 25.72 1.02 -8.95
CA THR A 532 24.68 2.03 -8.94
C THR A 532 23.33 1.45 -9.36
N ASP A 533 22.27 2.14 -8.96
CA ASP A 533 20.92 1.69 -9.29
C ASP A 533 20.62 1.91 -10.77
N ALA A 534 20.99 3.07 -11.31
CA ALA A 534 20.69 3.37 -12.70
C ALA A 534 21.61 2.60 -13.64
N VAL A 535 21.05 2.14 -14.77
CA VAL A 535 21.78 1.36 -15.76
C VAL A 535 21.57 1.99 -17.12
N LEU A 536 22.67 2.29 -17.80
CA LEU A 536 22.64 2.78 -19.17
C LEU A 536 23.00 1.63 -20.09
N SER A 537 22.02 1.17 -20.87
CA SER A 537 22.23 0.10 -21.85
C SER A 537 22.44 0.74 -23.21
N LEU A 538 23.57 0.45 -23.85
CA LEU A 538 23.93 1.07 -25.11
C LEU A 538 24.32 0.01 -26.12
N ASP A 539 23.96 0.25 -27.38
CA ASP A 539 24.34 -0.61 -28.49
C ASP A 539 25.52 0.02 -29.23
N GLU A 540 26.50 -0.82 -29.59
CA GLU A 540 27.74 -0.31 -30.16
C GLU A 540 27.53 0.41 -31.49
N ASP A 541 26.42 0.17 -32.16
CA ASP A 541 26.13 0.85 -33.42
C ASP A 541 25.45 2.19 -33.21
N THR A 542 25.18 2.59 -31.96
CA THR A 542 24.52 3.85 -31.65
C THR A 542 25.54 4.82 -31.08
N VAL A 543 25.59 6.03 -31.63
CA VAL A 543 26.52 7.07 -31.21
C VAL A 543 25.72 8.11 -30.44
N LEU A 544 26.14 8.39 -29.22
CA LEU A 544 25.46 9.36 -28.35
C LEU A 544 26.48 10.28 -27.71
N SER A 545 26.24 11.58 -27.78
CA SER A 545 27.11 12.55 -27.15
C SER A 545 26.96 12.53 -25.64
N THR A 546 27.99 13.00 -24.94
CA THR A 546 27.97 12.97 -23.49
C THR A 546 26.95 13.94 -22.91
N THR A 547 26.75 15.09 -23.55
CA THR A 547 25.71 16.01 -23.11
C THR A 547 24.34 15.37 -23.22
N GLU A 548 24.11 14.62 -24.29
CA GLU A 548 22.84 13.91 -24.44
C GLU A 548 22.65 12.87 -23.33
N VAL A 549 23.72 12.15 -22.99
CA VAL A 549 23.62 11.17 -21.91
C VAL A 549 23.31 11.85 -20.59
N ASP A 550 23.98 12.98 -20.32
CA ASP A 550 23.73 13.71 -19.09
C ASP A 550 22.29 14.21 -19.03
N PHE A 551 21.77 14.73 -20.15
CA PHE A 551 20.39 15.17 -20.19
C PHE A 551 19.43 14.02 -19.96
N ALA A 552 19.71 12.86 -20.58
CA ALA A 552 18.86 11.70 -20.38
C ALA A 552 18.85 11.27 -18.92
N PHE A 553 20.01 11.30 -18.26
CA PHE A 553 20.05 10.91 -16.86
C PHE A 553 19.33 11.93 -15.98
N THR A 554 19.45 13.22 -16.30
CA THR A 554 18.72 14.23 -15.54
C THR A 554 17.22 14.04 -15.68
N VAL A 555 16.75 13.71 -16.89
CA VAL A 555 15.34 13.41 -17.07
C VAL A 555 14.95 12.18 -16.28
N TRP A 556 15.80 11.15 -16.31
CA TRP A 556 15.51 9.93 -15.55
C TRP A 556 15.40 10.20 -14.07
N GLN A 557 16.17 11.16 -13.55
CA GLN A 557 16.12 11.43 -12.12
C GLN A 557 14.72 11.86 -11.68
N SER A 558 13.96 12.52 -12.56
CA SER A 558 12.59 12.88 -12.22
C SER A 558 11.64 11.70 -12.31
N PHE A 559 11.93 10.73 -13.18
CA PHE A 559 11.06 9.57 -13.42
C PHE A 559 11.89 8.29 -13.34
N PRO A 560 12.28 7.88 -12.13
CA PRO A 560 13.14 6.70 -12.01
C PRO A 560 12.43 5.39 -12.35
N GLU A 561 11.10 5.34 -12.28
CA GLU A 561 10.38 4.10 -12.51
C GLU A 561 10.30 3.74 -13.99
N ARG A 562 10.39 4.72 -14.87
CA ARG A 562 10.15 4.52 -16.29
C ARG A 562 11.44 4.19 -17.00
N ILE A 563 11.39 4.15 -18.33
CA ILE A 563 12.56 4.00 -19.19
C ILE A 563 12.69 5.27 -20.02
N VAL A 564 13.87 5.88 -19.97
CA VAL A 564 14.14 7.13 -20.67
C VAL A 564 15.19 6.85 -21.74
N GLY A 565 14.80 6.98 -23.01
CA GLY A 565 15.70 6.67 -24.10
C GLY A 565 15.28 7.38 -25.36
N TYR A 566 16.23 7.45 -26.30
CA TYR A 566 16.03 8.23 -27.52
C TYR A 566 15.23 7.49 -28.58
N PRO A 567 15.52 6.23 -28.93
CA PRO A 567 14.70 5.53 -29.91
C PRO A 567 13.30 5.25 -29.34
N ALA A 568 12.30 5.33 -30.22
CA ALA A 568 10.92 5.10 -29.82
C ALA A 568 10.15 4.43 -30.95
N ARG A 569 9.35 3.42 -30.59
CA ARG A 569 8.48 2.74 -31.53
C ARG A 569 7.11 2.54 -30.89
N SER A 570 6.09 2.42 -31.73
CA SER A 570 4.71 2.28 -31.26
C SER A 570 4.08 1.04 -31.89
N HIS A 571 2.86 0.73 -31.45
CA HIS A 571 2.12 -0.44 -31.89
C HIS A 571 0.73 -0.02 -32.33
N PHE A 572 0.06 -0.94 -33.04
CA PHE A 572 -1.28 -0.70 -33.53
C PHE A 572 -2.04 -2.02 -33.58
N TRP A 573 -3.37 -1.91 -33.60
CA TRP A 573 -4.26 -3.06 -33.60
C TRP A 573 -4.93 -3.16 -34.96
N ASP A 574 -4.42 -4.08 -35.79
CA ASP A 574 -4.93 -4.26 -37.15
C ASP A 574 -6.16 -5.14 -37.09
N ASN A 575 -7.33 -4.57 -37.39
CA ASN A 575 -8.57 -5.32 -37.34
C ASN A 575 -8.64 -6.39 -38.43
N SER A 576 -7.99 -6.16 -39.56
CA SER A 576 -8.08 -7.10 -40.68
C SER A 576 -7.49 -8.45 -40.30
N LYS A 577 -6.32 -8.45 -39.65
CA LYS A 577 -5.69 -9.68 -39.19
C LYS A 577 -5.93 -9.94 -37.71
N GLU A 578 -6.62 -9.05 -37.01
CA GLU A 578 -6.85 -9.17 -35.56
C GLU A 578 -5.53 -9.38 -34.82
N ARG A 579 -4.50 -8.66 -35.27
CA ARG A 579 -3.14 -8.89 -34.81
C ARG A 579 -2.49 -7.57 -34.43
N TRP A 580 -1.63 -7.62 -33.41
CA TRP A 580 -0.89 -6.44 -32.99
C TRP A 580 0.25 -6.16 -33.96
N GLY A 581 0.53 -4.86 -34.17
CA GLY A 581 1.50 -4.43 -35.13
C GLY A 581 2.74 -3.82 -34.49
N TYR A 582 3.62 -3.33 -35.36
CA TYR A 582 4.87 -2.71 -34.95
C TYR A 582 5.31 -1.75 -36.04
N THR A 583 5.40 -0.46 -35.72
CA THR A 583 5.82 0.54 -36.69
C THR A 583 7.03 1.30 -36.14
N SER A 584 7.88 1.75 -37.05
CA SER A 584 9.14 2.37 -36.64
C SER A 584 9.52 3.60 -37.45
N LYS A 585 8.65 4.13 -38.29
CA LYS A 585 9.00 5.25 -39.16
C LYS A 585 7.94 6.34 -39.06
N TRP A 586 8.36 7.55 -38.66
CA TRP A 586 7.53 8.74 -38.70
C TRP A 586 6.21 8.54 -37.95
N THR A 587 6.28 7.92 -36.78
CA THR A 587 5.08 7.71 -35.99
C THR A 587 4.63 9.01 -35.34
N ASN A 588 3.32 9.22 -35.29
CA ASN A 588 2.75 10.38 -34.62
C ASN A 588 2.76 10.23 -33.10
N ASP A 589 2.98 9.03 -32.58
CA ASP A 589 3.05 8.79 -31.16
C ASP A 589 3.95 7.58 -30.92
N TYR A 590 4.10 7.19 -29.65
CA TYR A 590 4.94 6.06 -29.31
C TYR A 590 4.43 5.40 -28.04
N SER A 591 4.80 4.13 -27.87
CA SER A 591 4.53 3.42 -26.63
C SER A 591 5.69 2.54 -26.16
N MET A 592 6.77 2.46 -26.93
CA MET A 592 7.95 1.69 -26.55
C MET A 592 9.20 2.49 -26.89
N VAL A 593 10.19 2.45 -25.99
CA VAL A 593 11.50 3.03 -26.24
C VAL A 593 12.53 1.93 -26.18
N LEU A 594 13.41 1.89 -27.19
CA LEU A 594 14.37 0.81 -27.28
C LEU A 594 15.40 0.90 -26.17
N THR A 595 15.84 -0.26 -25.69
CA THR A 595 16.86 -0.35 -24.65
C THR A 595 18.25 -0.02 -25.16
N GLY A 596 18.43 0.10 -26.47
CA GLY A 596 19.75 0.36 -27.04
C GLY A 596 20.32 1.72 -26.68
N ALA A 597 19.48 2.67 -26.27
CA ALA A 597 19.95 3.98 -25.81
C ALA A 597 19.11 4.46 -24.63
N ALA A 598 18.84 3.57 -23.68
CA ALA A 598 17.87 3.82 -22.63
C ALA A 598 18.52 3.78 -21.26
N ILE A 599 17.89 4.47 -20.32
CA ILE A 599 18.28 4.49 -18.91
C ILE A 599 17.12 3.92 -18.10
N TYR A 600 17.43 2.99 -17.21
CA TYR A 600 16.43 2.41 -16.33
C TYR A 600 17.10 1.93 -15.06
N HIS A 601 16.39 1.12 -14.30
CA HIS A 601 16.83 0.65 -13.00
C HIS A 601 17.32 -0.79 -13.12
N LYS A 602 18.38 -1.12 -12.38
CA LYS A 602 18.91 -2.49 -12.41
C LYS A 602 17.91 -3.51 -11.90
N TYR A 603 16.94 -3.08 -11.08
CA TYR A 603 15.90 -4.00 -10.66
C TYR A 603 15.09 -4.48 -11.84
N TYR A 604 15.03 -3.70 -12.93
CA TYR A 604 14.37 -4.19 -14.12
C TYR A 604 15.17 -5.32 -14.77
N HIS A 605 16.50 -5.24 -14.72
CA HIS A 605 17.32 -6.37 -15.13
C HIS A 605 17.00 -7.61 -14.29
N TYR A 606 16.94 -7.44 -12.97
CA TYR A 606 16.64 -8.57 -12.10
C TYR A 606 15.25 -9.14 -12.40
N LEU A 607 14.27 -8.25 -12.61
CA LEU A 607 12.90 -8.69 -12.87
C LEU A 607 12.80 -9.43 -14.20
N TYR A 608 13.50 -8.94 -15.23
CA TYR A 608 13.49 -9.64 -16.51
C TYR A 608 14.14 -11.01 -16.39
N SER A 609 15.22 -11.11 -15.62
CA SER A 609 15.92 -12.39 -15.51
C SER A 609 15.20 -13.39 -14.61
N HIS A 610 14.45 -12.92 -13.60
CA HIS A 610 13.94 -13.83 -12.57
C HIS A 610 12.42 -13.82 -12.43
N TYR A 611 11.70 -13.10 -13.28
CA TYR A 611 10.25 -13.01 -13.17
C TYR A 611 9.53 -13.60 -14.37
N LEU A 612 9.90 -13.19 -15.57
CA LEU A 612 9.28 -13.75 -16.76
C LEU A 612 9.67 -15.21 -16.92
N PRO A 613 8.75 -16.06 -17.37
CA PRO A 613 9.06 -17.48 -17.50
C PRO A 613 10.04 -17.71 -18.65
N ALA A 614 10.63 -18.90 -18.64
CA ALA A 614 11.72 -19.20 -19.57
C ALA A 614 11.27 -19.21 -21.02
N SER A 615 9.97 -19.40 -21.29
CA SER A 615 9.52 -19.54 -22.67
C SER A 615 9.71 -18.26 -23.47
N LEU A 616 9.33 -17.12 -22.90
CA LEU A 616 9.45 -15.85 -23.62
C LEU A 616 10.91 -15.53 -23.92
N LYS A 617 11.78 -15.67 -22.92
CA LYS A 617 13.19 -15.39 -23.13
C LYS A 617 13.82 -16.39 -24.10
N ASN A 618 13.38 -17.65 -24.05
CA ASN A 618 13.87 -18.65 -25.01
C ASN A 618 13.51 -18.25 -26.43
N MET A 619 12.25 -17.83 -26.65
CA MET A 619 11.87 -17.36 -27.98
C MET A 619 12.65 -16.12 -28.38
N VAL A 620 12.92 -15.23 -27.42
CA VAL A 620 13.73 -14.05 -27.71
C VAL A 620 15.13 -14.45 -28.16
N ASP A 621 15.73 -15.41 -27.48
CA ASP A 621 17.06 -15.89 -27.84
C ASP A 621 17.05 -16.56 -29.22
N GLN A 622 16.07 -17.42 -29.46
CA GLN A 622 16.03 -18.18 -30.72
C GLN A 622 15.72 -17.28 -31.91
N LEU A 623 14.97 -16.19 -31.69
CA LEU A 623 14.68 -15.25 -32.78
C LEU A 623 15.75 -14.19 -32.94
N ALA A 624 16.78 -14.19 -32.10
CA ALA A 624 17.92 -13.28 -32.15
C ALA A 624 17.55 -11.81 -31.89
N ASN A 625 16.33 -11.55 -31.42
CA ASN A 625 15.91 -10.20 -31.11
C ASN A 625 14.70 -10.27 -30.18
N CYS A 626 14.00 -9.14 -30.03
CA CYS A 626 12.78 -9.01 -29.25
C CYS A 626 13.02 -8.98 -27.75
N GLU A 627 14.23 -8.66 -27.30
CA GLU A 627 14.45 -8.50 -25.87
C GLU A 627 14.05 -7.11 -25.40
N ASP A 628 14.30 -6.09 -26.23
CA ASP A 628 13.88 -4.74 -25.88
C ASP A 628 12.37 -4.61 -25.85
N ILE A 629 11.67 -5.29 -26.77
CA ILE A 629 10.22 -5.26 -26.77
C ILE A 629 9.68 -5.86 -25.48
N LEU A 630 10.23 -7.00 -25.07
CA LEU A 630 9.78 -7.62 -23.83
C LEU A 630 10.14 -6.77 -22.62
N MET A 631 11.28 -6.09 -22.67
CA MET A 631 11.65 -5.18 -21.58
C MET A 631 10.63 -4.06 -21.45
N ASN A 632 10.26 -3.46 -22.58
CA ASN A 632 9.25 -2.40 -22.56
C ASN A 632 7.91 -2.91 -22.08
N PHE A 633 7.53 -4.11 -22.51
CA PHE A 633 6.31 -4.73 -22.01
C PHE A 633 6.35 -4.85 -20.49
N LEU A 634 7.46 -5.33 -19.97
CA LEU A 634 7.57 -5.53 -18.52
C LEU A 634 7.50 -4.21 -17.76
N VAL A 635 8.23 -3.19 -18.24
CA VAL A 635 8.25 -1.91 -17.53
C VAL A 635 6.89 -1.22 -17.62
N SER A 636 6.22 -1.33 -18.78
CA SER A 636 4.89 -0.73 -18.90
C SER A 636 3.86 -1.49 -18.08
N ALA A 637 4.05 -2.79 -17.90
CA ALA A 637 3.13 -3.54 -17.04
C ALA A 637 3.33 -3.19 -15.58
N VAL A 638 4.58 -3.10 -15.13
CA VAL A 638 4.81 -2.81 -13.72
C VAL A 638 4.44 -1.37 -13.40
N THR A 639 4.82 -0.42 -14.24
CA THR A 639 4.56 0.98 -13.96
C THR A 639 3.16 1.43 -14.35
N LYS A 640 2.54 0.74 -15.31
CA LYS A 640 1.24 1.14 -15.86
C LYS A 640 1.28 2.57 -16.40
N LEU A 641 2.46 3.00 -16.84
CA LEU A 641 2.69 4.33 -17.37
C LEU A 641 3.55 4.23 -18.61
N PRO A 642 3.34 5.10 -19.59
CA PRO A 642 4.10 5.03 -20.83
C PRO A 642 5.55 5.44 -20.62
N PRO A 643 6.45 5.00 -21.48
CA PRO A 643 7.85 5.43 -21.38
C PRO A 643 8.01 6.85 -21.89
N ILE A 644 9.21 7.40 -21.67
CA ILE A 644 9.52 8.78 -22.02
C ILE A 644 10.60 8.80 -23.08
N LYS A 645 10.34 9.51 -24.17
CA LYS A 645 11.31 9.73 -25.22
C LYS A 645 11.93 11.11 -25.05
N VAL A 646 13.25 11.19 -25.22
CA VAL A 646 13.97 12.44 -25.09
C VAL A 646 14.76 12.67 -26.38
N THR A 647 15.00 13.95 -26.69
CA THR A 647 15.79 14.31 -27.86
C THR A 647 16.74 15.45 -27.54
N ASP A 670 12.36 -9.84 -44.12
CA ASP A 670 12.12 -10.97 -43.24
C ASP A 670 12.36 -10.61 -41.78
N HIS A 671 13.37 -9.78 -41.55
CA HIS A 671 13.70 -9.38 -40.18
C HIS A 671 12.61 -8.53 -39.54
N PHE A 672 11.72 -7.95 -40.33
CA PHE A 672 10.61 -7.16 -39.81
C PHE A 672 9.39 -7.99 -39.44
N ALA A 673 9.36 -9.27 -39.83
CA ALA A 673 8.17 -10.08 -39.64
C ALA A 673 8.04 -10.64 -38.23
N GLN A 674 9.16 -10.98 -37.59
CA GLN A 674 9.08 -11.67 -36.31
C GLN A 674 8.72 -10.75 -35.15
N ARG A 675 8.81 -9.43 -35.35
CA ARG A 675 8.45 -8.50 -34.28
C ARG A 675 6.97 -8.63 -33.92
N GLN A 676 6.11 -8.75 -34.93
CA GLN A 676 4.68 -8.89 -34.66
C GLN A 676 4.38 -10.19 -33.92
N SER A 677 5.04 -11.29 -34.30
CA SER A 677 4.85 -12.54 -33.60
C SER A 677 5.32 -12.43 -32.15
N CYS A 678 6.46 -11.77 -31.94
CA CYS A 678 6.94 -11.52 -30.59
C CYS A 678 5.88 -10.78 -29.77
N MET A 679 5.34 -9.69 -30.33
CA MET A 679 4.37 -8.90 -29.59
C MET A 679 3.11 -9.69 -29.28
N ASN A 680 2.64 -10.49 -30.25
CA ASN A 680 1.45 -11.31 -30.03
C ASN A 680 1.69 -12.32 -28.92
N THR A 681 2.85 -13.00 -28.94
CA THR A 681 3.15 -13.96 -27.90
C THR A 681 3.23 -13.30 -26.53
N PHE A 682 3.90 -12.14 -26.44
CA PHE A 682 4.03 -11.45 -25.16
C PHE A 682 2.66 -11.02 -24.64
N ALA A 683 1.82 -10.47 -25.52
CA ALA A 683 0.48 -10.05 -25.11
C ALA A 683 -0.35 -11.25 -24.67
N SER A 684 -0.22 -12.38 -25.37
CA SER A 684 -0.92 -13.58 -24.98
C SER A 684 -0.50 -14.04 -23.60
N TRP A 685 0.80 -13.95 -23.29
CA TRP A 685 1.26 -14.33 -21.96
C TRP A 685 0.71 -13.36 -20.91
N PHE A 686 0.76 -12.06 -21.18
CA PHE A 686 0.27 -11.09 -20.20
C PHE A 686 -1.24 -11.11 -20.07
N GLY A 687 -1.95 -11.40 -21.17
CA GLY A 687 -3.39 -11.33 -21.19
C GLY A 687 -3.94 -10.01 -21.71
N TYR A 688 -3.11 -8.98 -21.80
CA TYR A 688 -3.51 -7.72 -22.39
C TYR A 688 -2.27 -7.04 -22.96
N MET A 689 -2.44 -5.81 -23.43
CA MET A 689 -1.33 -5.04 -23.99
C MET A 689 -0.96 -3.94 -23.00
N PRO A 690 0.07 -4.14 -22.16
CA PRO A 690 0.43 -3.10 -21.18
C PRO A 690 0.93 -1.82 -21.80
N LEU A 691 1.33 -1.84 -23.07
CA LEU A 691 1.85 -0.64 -23.72
C LEU A 691 0.77 0.45 -23.76
N ILE A 692 1.17 1.65 -23.40
CA ILE A 692 0.27 2.81 -23.36
C ILE A 692 0.86 3.90 -24.23
N HIS A 693 0.03 4.49 -25.09
CA HIS A 693 0.53 5.49 -26.02
C HIS A 693 0.88 6.78 -25.31
N SER A 694 1.79 7.53 -25.91
CA SER A 694 2.19 8.84 -25.42
C SER A 694 2.75 9.65 -26.58
N GLN A 695 2.39 10.93 -26.64
CA GLN A 695 2.83 11.82 -27.70
C GLN A 695 3.57 13.04 -27.17
N MET A 696 4.19 12.89 -26.00
CA MET A 696 5.05 13.92 -25.44
C MET A 696 6.50 13.62 -25.77
N ARG A 697 7.36 14.62 -25.56
CA ARG A 697 8.79 14.46 -25.87
C ARG A 697 9.55 15.49 -25.04
N LEU A 698 10.28 15.02 -24.03
CA LEU A 698 11.02 15.91 -23.15
C LEU A 698 12.31 16.36 -23.81
N ASP A 699 12.53 17.67 -23.85
CA ASP A 699 13.68 18.27 -24.51
C ASP A 699 14.35 19.27 -23.58
N PRO A 700 15.65 19.50 -23.75
CA PRO A 700 16.35 20.47 -22.88
C PRO A 700 15.89 21.89 -23.14
N VAL A 701 16.01 22.71 -22.11
CA VAL A 701 15.64 24.12 -22.20
C VAL A 701 16.88 24.98 -22.38
N ASP B 37 -10.75 -17.71 26.33
CA ASP B 37 -11.21 -18.34 25.10
C ASP B 37 -10.36 -17.87 23.91
N LEU B 38 -9.53 -18.76 23.38
CA LEU B 38 -8.66 -18.41 22.28
C LEU B 38 -9.44 -18.15 20.99
N SER B 39 -10.68 -18.64 20.89
CA SER B 39 -11.48 -18.45 19.69
C SER B 39 -12.12 -17.06 19.62
N CYS B 40 -12.04 -16.27 20.69
CA CYS B 40 -12.70 -14.98 20.72
C CYS B 40 -12.05 -14.00 19.75
N ARG B 41 -12.88 -13.23 19.06
CA ARG B 41 -12.44 -12.13 18.22
C ARG B 41 -13.29 -10.90 18.54
N MET B 42 -13.02 -9.81 17.81
CA MET B 42 -13.73 -8.57 18.06
C MET B 42 -15.15 -8.56 17.51
N HIS B 43 -15.51 -9.54 16.67
CA HIS B 43 -16.83 -9.59 16.09
C HIS B 43 -17.78 -10.51 16.83
N THR B 44 -17.28 -11.34 17.75
CA THR B 44 -18.09 -12.29 18.48
C THR B 44 -18.15 -12.00 19.97
N CYS B 45 -17.00 -11.91 20.63
CA CYS B 45 -16.95 -11.75 22.08
C CYS B 45 -16.90 -10.29 22.51
N PHE B 46 -16.88 -9.35 21.58
CA PHE B 46 -16.82 -7.93 21.89
C PHE B 46 -18.19 -7.29 21.70
N ASP B 47 -18.41 -6.19 22.42
CA ASP B 47 -19.68 -5.48 22.41
C ASP B 47 -19.47 -4.12 21.75
N VAL B 48 -20.28 -3.84 20.73
CA VAL B 48 -20.16 -2.59 19.97
C VAL B 48 -21.38 -1.70 20.11
N TYR B 49 -22.44 -2.19 20.74
CA TYR B 49 -23.56 -1.32 21.08
C TYR B 49 -23.15 -0.28 22.12
N ARG B 50 -22.33 -0.69 23.10
CA ARG B 50 -21.93 0.19 24.18
C ARG B 50 -21.34 1.49 23.69
N CYS B 51 -20.36 1.42 22.79
CA CYS B 51 -19.76 2.59 22.17
C CYS B 51 -19.97 2.51 20.66
N GLY B 52 -20.68 3.51 20.13
CA GLY B 52 -20.92 3.55 18.70
C GLY B 52 -20.29 4.78 18.08
N PHE B 53 -20.95 5.34 17.08
CA PHE B 53 -20.39 6.46 16.34
C PHE B 53 -20.47 7.75 17.15
N ASN B 54 -19.40 8.53 17.10
CA ASN B 54 -19.32 9.84 17.73
C ASN B 54 -18.60 10.78 16.78
N PRO B 55 -18.86 12.09 16.87
CA PRO B 55 -18.19 13.03 15.94
C PRO B 55 -16.68 13.00 16.06
N LYS B 56 -16.16 12.83 17.28
CA LYS B 56 -14.73 12.66 17.52
C LYS B 56 -14.47 11.16 17.67
N ASN B 57 -13.93 10.54 16.63
CA ASN B 57 -13.82 9.09 16.58
C ASN B 57 -12.74 8.58 17.52
N LYS B 58 -12.99 8.70 18.83
CA LYS B 58 -12.09 8.19 19.85
C LYS B 58 -12.89 7.34 20.82
N ILE B 59 -12.39 6.14 21.10
CA ILE B 59 -13.02 5.33 22.14
C ILE B 59 -12.82 5.99 23.49
N LYS B 60 -13.71 5.68 24.42
CA LYS B 60 -13.67 6.26 25.75
C LYS B 60 -13.40 5.16 26.76
N VAL B 61 -12.36 5.36 27.57
CA VAL B 61 -11.86 4.36 28.50
C VAL B 61 -12.18 4.80 29.91
N TYR B 62 -12.80 3.92 30.69
CA TYR B 62 -13.10 4.18 32.09
C TYR B 62 -12.22 3.32 32.97
N ILE B 63 -11.73 3.92 34.06
CA ILE B 63 -10.80 3.27 34.97
C ILE B 63 -11.49 3.10 36.31
N TYR B 64 -11.49 1.87 36.82
CA TYR B 64 -12.08 1.60 38.13
C TYR B 64 -11.23 2.19 39.24
N ALA B 65 -11.87 2.51 40.36
CA ALA B 65 -11.20 3.06 41.52
C ALA B 65 -11.03 1.96 42.56
N LEU B 66 -9.79 1.74 42.99
CA LEU B 66 -9.50 0.71 43.98
C LEU B 66 -9.77 1.22 45.39
N ILE B 81 -0.89 -0.90 42.11
CA ILE B 81 0.10 -0.71 43.22
C ILE B 81 1.47 -0.39 42.62
N SER B 82 1.97 -1.23 41.71
CA SER B 82 3.32 -1.01 41.15
C SER B 82 3.43 0.40 40.57
N ARG B 83 4.59 1.06 40.68
CA ARG B 83 4.67 2.37 40.06
C ARG B 83 4.46 2.28 38.56
N GLU B 84 4.76 1.13 37.95
CA GLU B 84 4.53 0.95 36.52
C GLU B 84 3.05 1.10 36.18
N TYR B 85 2.18 0.37 36.90
CA TYR B 85 0.76 0.44 36.63
C TYR B 85 0.18 1.80 37.02
N ASN B 86 0.72 2.41 38.08
CA ASN B 86 0.29 3.75 38.45
C ASN B 86 0.58 4.74 37.33
N GLU B 87 1.77 4.66 36.73
CA GLU B 87 2.12 5.55 35.64
C GLU B 87 1.29 5.24 34.39
N LEU B 88 0.99 3.96 34.14
CA LEU B 88 0.11 3.61 33.03
C LEU B 88 -1.26 4.24 33.19
N LEU B 89 -1.85 4.11 34.38
CA LEU B 89 -3.17 4.68 34.62
C LEU B 89 -3.15 6.20 34.56
N MET B 90 -2.09 6.83 35.09
CA MET B 90 -1.99 8.28 35.01
C MET B 90 -1.87 8.75 33.56
N ALA B 91 -1.12 8.01 32.74
CA ALA B 91 -1.01 8.36 31.33
C ALA B 91 -2.34 8.22 30.62
N ILE B 92 -3.11 7.17 30.96
CA ILE B 92 -4.42 7.00 30.35
C ILE B 92 -5.36 8.13 30.77
N SER B 93 -5.30 8.52 32.05
CA SER B 93 -6.23 9.52 32.58
C SER B 93 -6.03 10.87 31.92
N ASP B 94 -4.78 11.27 31.68
CA ASP B 94 -4.47 12.58 31.12
C ASP B 94 -4.43 12.57 29.59
N SER B 95 -5.18 11.67 28.96
CA SER B 95 -5.29 11.59 27.51
C SER B 95 -6.68 12.01 27.07
N ASP B 96 -6.94 11.89 25.77
CA ASP B 96 -8.24 12.20 25.20
C ASP B 96 -9.26 11.09 25.40
N TYR B 97 -8.85 9.93 25.93
CA TYR B 97 -9.73 8.78 26.02
C TYR B 97 -10.43 8.66 27.37
N TYR B 98 -9.98 9.37 28.40
CA TYR B 98 -10.55 9.22 29.72
C TYR B 98 -11.89 9.95 29.80
N THR B 99 -12.91 9.24 30.28
CA THR B 99 -14.22 9.82 30.51
C THR B 99 -14.82 9.22 31.78
N ASP B 100 -15.95 9.77 32.19
CA ASP B 100 -16.76 9.30 33.31
C ASP B 100 -18.11 8.86 32.75
N ASP B 101 -19.07 8.61 33.66
CA ASP B 101 -20.39 8.12 33.28
C ASP B 101 -20.26 6.79 32.54
N ILE B 102 -19.89 5.78 33.33
CA ILE B 102 -19.56 4.42 32.90
C ILE B 102 -20.47 3.94 31.78
N ASN B 103 -21.75 4.35 31.84
CA ASN B 103 -22.71 3.95 30.82
C ASN B 103 -22.32 4.46 29.44
N ARG B 104 -21.42 5.44 29.35
CA ARG B 104 -21.05 6.04 28.07
C ARG B 104 -19.70 5.55 27.55
N ALA B 105 -18.79 5.13 28.43
CA ALA B 105 -17.50 4.65 28.00
C ALA B 105 -17.60 3.22 27.45
N CYS B 106 -16.59 2.82 26.68
CA CYS B 106 -16.55 1.49 26.08
C CYS B 106 -15.62 0.53 26.82
N LEU B 107 -14.34 0.86 26.94
CA LEU B 107 -13.35 -0.04 27.50
C LEU B 107 -13.23 0.18 29.01
N PHE B 108 -12.64 -0.81 29.67
CA PHE B 108 -12.43 -0.75 31.11
C PHE B 108 -11.05 -1.30 31.43
N VAL B 109 -10.33 -0.57 32.27
CA VAL B 109 -8.98 -0.97 32.68
C VAL B 109 -8.97 -1.15 34.19
N PRO B 110 -8.96 -2.37 34.69
CA PRO B 110 -9.03 -2.58 36.14
C PRO B 110 -7.79 -2.07 36.85
N SER B 111 -7.99 -1.66 38.10
CA SER B 111 -6.89 -1.17 38.93
C SER B 111 -6.32 -2.32 39.78
N ILE B 112 -5.90 -3.38 39.08
CA ILE B 112 -5.32 -4.56 39.71
C ILE B 112 -3.96 -4.81 39.09
N ASP B 113 -2.99 -5.18 39.93
CA ASP B 113 -1.64 -5.41 39.46
C ASP B 113 -1.59 -6.70 38.65
N VAL B 114 -1.26 -6.57 37.35
CA VAL B 114 -1.24 -7.71 36.44
C VAL B 114 0.11 -7.89 35.76
N LEU B 115 0.93 -6.85 35.64
CA LEU B 115 2.11 -6.91 34.78
C LEU B 115 3.12 -7.94 35.28
N ASN B 116 3.32 -8.04 36.58
CA ASN B 116 4.33 -8.93 37.16
C ASN B 116 3.66 -10.21 37.61
N GLN B 117 4.05 -11.34 37.02
CA GLN B 117 3.45 -12.63 37.32
C GLN B 117 4.19 -13.42 38.38
N ASN B 118 5.34 -12.92 38.85
CA ASN B 118 6.09 -13.66 39.87
C ASN B 118 5.32 -13.78 41.16
N THR B 119 4.64 -12.71 41.58
CA THR B 119 3.80 -12.69 42.77
C THR B 119 2.39 -12.26 42.40
N LEU B 120 1.85 -12.85 41.33
CA LEU B 120 0.56 -12.40 40.81
C LEU B 120 -0.60 -12.89 41.65
N ARG B 121 -0.51 -14.07 42.25
CA ARG B 121 -1.61 -14.69 43.00
C ARG B 121 -2.83 -14.84 42.09
N ILE B 122 -2.68 -15.76 41.12
CA ILE B 122 -3.60 -15.87 40.00
C ILE B 122 -5.03 -16.06 40.49
N LYS B 123 -5.24 -16.87 41.52
CA LYS B 123 -6.58 -17.05 42.07
C LYS B 123 -7.12 -15.73 42.62
N GLU B 124 -6.27 -14.97 43.32
CA GLU B 124 -6.71 -13.68 43.83
C GLU B 124 -7.06 -12.72 42.71
N THR B 125 -6.28 -12.72 41.62
CA THR B 125 -6.60 -11.86 40.48
C THR B 125 -7.92 -12.27 39.85
N ALA B 126 -8.18 -13.57 39.73
CA ALA B 126 -9.46 -14.03 39.20
C ALA B 126 -10.61 -13.59 40.09
N GLN B 127 -10.43 -13.69 41.40
CA GLN B 127 -11.46 -13.23 42.33
C GLN B 127 -11.70 -11.74 42.18
N ALA B 128 -10.63 -10.95 42.01
CA ALA B 128 -10.79 -9.51 41.85
C ALA B 128 -11.54 -9.19 40.56
N MET B 129 -11.20 -9.87 39.46
CA MET B 129 -11.89 -9.66 38.20
C MET B 129 -13.37 -10.02 38.31
N ALA B 130 -13.68 -11.11 39.01
CA ALA B 130 -15.08 -11.46 39.24
C ALA B 130 -15.79 -10.42 40.09
N GLN B 131 -15.09 -9.88 41.10
CA GLN B 131 -15.66 -8.92 42.03
C GLN B 131 -15.64 -7.50 41.50
N LEU B 132 -15.14 -7.28 40.28
CA LEU B 132 -15.09 -5.94 39.69
C LEU B 132 -16.46 -5.28 39.59
N SER B 133 -17.55 -6.06 39.74
CA SER B 133 -18.93 -5.61 39.73
C SER B 133 -19.38 -5.09 38.36
N ARG B 134 -18.49 -5.05 37.37
CA ARG B 134 -18.84 -4.67 36.01
C ARG B 134 -18.21 -5.63 35.01
N TRP B 135 -18.02 -6.90 35.43
CA TRP B 135 -17.28 -7.86 34.62
C TRP B 135 -17.96 -8.11 33.28
N ASP B 136 -19.25 -8.47 33.31
CA ASP B 136 -20.00 -8.77 32.09
C ASP B 136 -19.26 -9.79 31.23
N ARG B 137 -18.74 -10.83 31.89
CA ARG B 137 -17.92 -11.86 31.25
C ARG B 137 -16.69 -11.27 30.56
N GLY B 138 -16.23 -10.11 31.04
CA GLY B 138 -15.05 -9.47 30.50
C GLY B 138 -15.18 -9.13 29.04
N THR B 139 -16.33 -8.56 28.66
CA THR B 139 -16.63 -8.36 27.25
C THR B 139 -15.77 -7.26 26.64
N ASN B 140 -15.51 -6.19 27.38
CA ASN B 140 -14.79 -5.04 26.84
C ASN B 140 -13.56 -4.66 27.65
N HIS B 141 -13.25 -5.36 28.74
CA HIS B 141 -12.16 -4.96 29.61
C HIS B 141 -10.82 -5.18 28.93
N LEU B 142 -9.89 -4.26 29.17
CA LEU B 142 -8.54 -4.33 28.63
C LEU B 142 -7.57 -4.63 29.77
N LEU B 143 -6.68 -5.59 29.55
CA LEU B 143 -5.69 -5.99 30.55
C LEU B 143 -4.29 -5.76 30.00
N PHE B 144 -3.38 -5.39 30.90
CA PHE B 144 -1.99 -5.13 30.55
C PHE B 144 -1.08 -6.11 31.27
N ASN B 145 -0.06 -6.59 30.55
CA ASN B 145 0.91 -7.52 31.11
C ASN B 145 2.20 -7.40 30.32
N MET B 146 3.32 -7.71 30.99
CA MET B 146 4.62 -7.76 30.32
C MET B 146 5.46 -8.96 30.71
N LEU B 147 5.02 -9.80 31.63
CA LEU B 147 5.76 -10.98 32.07
C LEU B 147 4.83 -12.20 32.06
N PRO B 148 4.50 -12.71 30.86
CA PRO B 148 3.57 -13.85 30.78
C PRO B 148 4.28 -15.20 30.92
N GLY B 149 4.88 -15.43 32.07
CA GLY B 149 5.63 -16.65 32.30
C GLY B 149 5.48 -17.13 33.72
N GLY B 150 5.61 -18.44 33.90
CA GLY B 150 5.52 -19.04 35.21
C GLY B 150 6.70 -19.95 35.49
N PRO B 151 7.10 -20.02 36.76
CA PRO B 151 8.26 -20.85 37.14
C PRO B 151 8.11 -22.30 36.72
N PRO B 152 6.91 -22.93 36.83
CA PRO B 152 6.80 -24.30 36.31
C PRO B 152 6.88 -24.37 34.80
N ASP B 153 6.16 -23.50 34.11
CA ASP B 153 6.14 -23.50 32.66
C ASP B 153 5.80 -22.09 32.17
N TYR B 154 6.33 -21.74 31.00
CA TYR B 154 6.14 -20.43 30.39
C TYR B 154 5.01 -20.54 29.38
N ASN B 155 3.80 -20.14 29.80
CA ASN B 155 2.61 -20.24 28.95
C ASN B 155 2.54 -19.15 27.89
N THR B 156 3.43 -18.15 27.94
CA THR B 156 3.48 -17.05 26.98
C THR B 156 2.19 -16.24 26.96
N ALA B 157 1.38 -16.35 28.00
CA ALA B 157 0.15 -15.56 28.11
C ALA B 157 -0.24 -15.50 29.59
N LEU B 158 -1.15 -14.60 29.90
CA LEU B 158 -1.64 -14.48 31.27
C LEU B 158 -2.39 -15.74 31.67
N ASP B 159 -2.17 -16.18 32.92
CA ASP B 159 -2.73 -17.43 33.40
C ASP B 159 -4.06 -17.27 34.13
N VAL B 160 -4.61 -16.07 34.19
CA VAL B 160 -5.91 -15.87 34.82
C VAL B 160 -6.98 -16.44 33.90
N PRO B 161 -8.19 -16.74 34.40
CA PRO B 161 -9.25 -17.29 33.53
C PRO B 161 -9.53 -16.42 32.31
N ARG B 162 -9.89 -15.16 32.52
CA ARG B 162 -10.14 -14.16 31.46
C ARG B 162 -10.90 -14.77 30.29
N ASP B 163 -12.13 -15.22 30.58
CA ASP B 163 -12.92 -15.95 29.58
C ASP B 163 -13.06 -15.16 28.28
N ARG B 164 -13.19 -13.84 28.38
CA ARG B 164 -13.28 -13.01 27.19
C ARG B 164 -12.49 -11.71 27.29
N ALA B 165 -11.73 -11.50 28.37
CA ALA B 165 -11.06 -10.23 28.58
C ALA B 165 -10.01 -9.98 27.51
N LEU B 166 -9.78 -8.71 27.22
CA LEU B 166 -8.81 -8.30 26.22
C LEU B 166 -7.44 -8.13 26.88
N LEU B 167 -6.42 -8.72 26.27
CA LEU B 167 -5.09 -8.78 26.85
C LEU B 167 -4.11 -7.98 25.99
N ALA B 168 -3.33 -7.13 26.64
CA ALA B 168 -2.23 -6.40 26.02
C ALA B 168 -0.96 -6.89 26.70
N GLY B 169 -0.39 -7.97 26.19
CA GLY B 169 0.74 -8.61 26.80
C GLY B 169 2.06 -8.28 26.13
N GLY B 170 3.14 -8.55 26.85
CA GLY B 170 4.47 -8.28 26.34
C GLY B 170 4.99 -9.38 25.44
N GLY B 171 4.93 -10.62 25.91
CA GLY B 171 5.41 -11.74 25.12
C GLY B 171 4.29 -12.63 24.64
N PHE B 172 3.98 -12.56 23.35
CA PHE B 172 2.91 -13.34 22.74
C PHE B 172 3.51 -14.32 21.73
N SER B 173 3.15 -15.59 21.85
CA SER B 173 3.49 -16.56 20.84
C SER B 173 2.43 -16.55 19.75
N THR B 174 2.77 -17.15 18.60
CA THR B 174 1.82 -17.19 17.51
C THR B 174 0.66 -18.14 17.79
N TRP B 175 0.70 -18.89 18.88
CA TRP B 175 -0.38 -19.78 19.27
C TRP B 175 -1.29 -19.19 20.35
N THR B 176 -0.75 -18.35 21.24
CA THR B 176 -1.53 -17.80 22.34
C THR B 176 -1.97 -16.37 22.08
N TYR B 177 -1.85 -15.90 20.84
CA TYR B 177 -2.14 -14.51 20.49
C TYR B 177 -3.36 -14.47 19.59
N ARG B 178 -4.41 -13.78 20.05
CA ARG B 178 -5.57 -13.55 19.21
C ARG B 178 -5.24 -12.48 18.19
N GLN B 179 -5.49 -12.79 16.92
CA GLN B 179 -4.97 -11.98 15.82
C GLN B 179 -5.50 -10.55 15.84
N GLY B 180 -6.80 -10.38 15.64
CA GLY B 180 -7.39 -9.06 15.63
C GLY B 180 -7.85 -8.54 16.96
N TYR B 181 -7.74 -9.34 18.02
CA TYR B 181 -8.27 -9.00 19.32
C TYR B 181 -7.20 -8.43 20.25
N ASP B 182 -6.17 -9.22 20.55
CA ASP B 182 -5.12 -8.79 21.47
C ASP B 182 -4.12 -7.87 20.76
N VAL B 183 -3.33 -7.18 21.57
CA VAL B 183 -2.28 -6.30 21.08
C VAL B 183 -0.99 -6.65 21.82
N SER B 184 0.10 -6.79 21.06
CA SER B 184 1.41 -7.14 21.62
C SER B 184 2.14 -5.85 22.00
N ILE B 185 2.37 -5.66 23.29
CA ILE B 185 2.96 -4.41 23.78
C ILE B 185 4.43 -4.64 24.14
N PRO B 186 5.27 -3.60 24.06
CA PRO B 186 6.67 -3.76 24.44
C PRO B 186 6.83 -4.02 25.92
N VAL B 187 7.91 -4.71 26.27
CA VAL B 187 8.29 -4.93 27.65
C VAL B 187 9.17 -3.76 28.08
N TYR B 188 8.84 -3.16 29.22
CA TYR B 188 9.48 -1.92 29.64
C TYR B 188 10.71 -2.21 30.48
N SER B 189 11.83 -1.58 30.11
CA SER B 189 13.07 -1.68 30.88
C SER B 189 13.33 -0.34 31.55
N PRO B 190 13.48 -0.29 32.87
CA PRO B 190 13.74 0.99 33.54
C PRO B 190 15.03 1.65 33.08
N LEU B 191 15.96 0.90 32.49
CA LEU B 191 17.20 1.48 32.02
C LEU B 191 16.98 2.49 30.90
N SER B 192 15.83 2.44 30.23
CA SER B 192 15.54 3.40 29.16
C SER B 192 15.47 4.82 29.70
N ALA B 193 14.83 5.01 30.85
CA ALA B 193 14.73 6.32 31.48
C ALA B 193 15.78 6.55 32.56
N GLU B 194 16.39 5.48 33.07
CA GLU B 194 17.42 5.65 34.09
C GLU B 194 18.66 6.34 33.53
N VAL B 195 19.05 5.99 32.31
CA VAL B 195 20.23 6.58 31.67
C VAL B 195 19.81 7.15 30.32
N ASP B 196 20.30 8.34 30.01
CA ASP B 196 20.01 9.02 28.75
C ASP B 196 21.23 8.91 27.85
N LEU B 197 21.23 7.90 26.99
CA LEU B 197 22.32 7.73 26.04
C LEU B 197 22.35 8.88 25.05
N PRO B 198 23.53 9.28 24.58
CA PRO B 198 23.60 10.33 23.57
C PRO B 198 22.96 9.87 22.26
N GLU B 199 22.40 10.84 21.54
CA GLU B 199 21.75 10.56 20.26
C GLU B 199 22.81 10.46 19.17
N LYS B 200 23.58 9.38 19.25
CA LYS B 200 24.64 9.15 18.27
C LYS B 200 24.07 8.86 16.90
N GLY B 201 24.65 9.47 15.88
CA GLY B 201 24.17 9.31 14.53
C GLY B 201 24.55 7.98 13.93
N PRO B 202 23.81 7.54 12.91
CA PRO B 202 24.15 6.28 12.24
C PRO B 202 25.49 6.38 11.53
N GLY B 203 26.18 5.26 11.47
CA GLY B 203 27.48 5.19 10.83
C GLY B 203 28.24 3.94 11.20
N PRO B 204 29.50 3.87 10.78
CA PRO B 204 30.33 2.70 11.13
C PRO B 204 30.59 2.63 12.62
N ARG B 205 30.74 1.41 13.11
CA ARG B 205 30.99 1.16 14.53
C ARG B 205 32.12 0.14 14.67
N GLN B 206 32.69 0.08 15.86
CA GLN B 206 33.82 -0.80 16.11
C GLN B 206 33.44 -2.26 15.93
N TYR B 207 32.33 -2.68 16.51
CA TYR B 207 31.87 -4.05 16.44
C TYR B 207 30.77 -4.19 15.39
N PHE B 208 30.49 -5.44 15.02
CA PHE B 208 29.43 -5.76 14.07
C PHE B 208 28.26 -6.49 14.71
N LEU B 209 28.53 -7.56 15.44
CA LEU B 209 27.50 -8.33 16.12
C LEU B 209 27.81 -8.36 17.61
N LEU B 210 26.78 -8.22 18.43
CA LEU B 210 26.94 -8.21 19.87
C LEU B 210 25.80 -8.97 20.51
N SER B 211 26.07 -9.54 21.67
CA SER B 211 25.06 -10.30 22.43
C SER B 211 25.33 -10.06 23.92
N SER B 212 24.56 -9.15 24.51
CA SER B 212 24.69 -8.81 25.92
C SER B 212 23.44 -9.30 26.64
N GLN B 213 23.46 -10.55 27.06
CA GLN B 213 22.37 -11.14 27.83
C GLN B 213 22.95 -12.00 28.94
N VAL B 214 22.14 -12.19 29.98
CA VAL B 214 22.55 -12.93 31.17
C VAL B 214 21.62 -14.12 31.34
N GLY B 215 22.20 -15.26 31.73
CA GLY B 215 21.44 -16.47 31.96
C GLY B 215 20.86 -17.11 30.72
N LEU B 216 21.61 -17.13 29.63
CA LEU B 216 21.17 -17.82 28.43
C LEU B 216 21.29 -19.33 28.61
N HIS B 217 20.65 -20.07 27.70
CA HIS B 217 20.78 -21.52 27.72
C HIS B 217 22.14 -21.92 27.14
N PRO B 218 22.75 -22.98 27.66
CA PRO B 218 24.10 -23.35 27.19
C PRO B 218 24.23 -23.51 25.68
N GLU B 219 23.20 -24.01 25.00
CA GLU B 219 23.30 -24.21 23.55
C GLU B 219 23.52 -22.89 22.82
N TYR B 220 22.73 -21.87 23.16
CA TYR B 220 22.87 -20.57 22.52
C TYR B 220 24.26 -20.00 22.75
N ARG B 221 24.74 -20.05 23.99
CA ARG B 221 26.04 -19.49 24.30
C ARG B 221 27.14 -20.25 23.58
N GLU B 222 27.03 -21.57 23.51
CA GLU B 222 28.03 -22.36 22.79
C GLU B 222 28.05 -21.99 21.31
N ASP B 223 26.88 -21.81 20.72
CA ASP B 223 26.85 -21.44 19.30
C ASP B 223 27.41 -20.04 19.08
N LEU B 224 27.11 -19.12 20.01
CA LEU B 224 27.67 -17.77 19.91
C LEU B 224 29.19 -17.79 20.06
N GLU B 225 29.70 -18.60 20.98
CA GLU B 225 31.15 -18.69 21.16
C GLU B 225 31.81 -19.34 19.96
N ALA B 226 31.15 -20.32 19.35
CA ALA B 226 31.66 -20.88 18.11
C ALA B 226 31.71 -19.83 17.02
N LEU B 227 30.66 -19.01 16.90
CA LEU B 227 30.67 -17.93 15.92
C LEU B 227 31.78 -16.92 16.19
N GLN B 228 32.08 -16.66 17.47
CA GLN B 228 33.09 -15.67 17.82
C GLN B 228 34.50 -16.19 17.54
N VAL B 229 34.77 -17.44 17.91
CA VAL B 229 36.07 -18.02 17.58
C VAL B 229 36.20 -18.26 16.08
N LYS B 230 35.08 -18.43 15.36
CA LYS B 230 35.17 -18.61 13.91
C LYS B 230 35.51 -17.30 13.21
N HIS B 231 34.85 -16.20 13.58
CA HIS B 231 35.06 -14.92 12.90
C HIS B 231 35.99 -14.00 13.67
N GLY B 232 35.64 -13.67 14.91
CA GLY B 232 36.51 -12.86 15.73
C GLY B 232 36.58 -11.40 15.35
N GLU B 233 36.82 -10.53 16.34
CA GLU B 233 36.95 -9.08 16.18
C GLU B 233 35.67 -8.41 15.71
N SER B 234 34.60 -9.17 15.50
CA SER B 234 33.31 -8.59 15.14
C SER B 234 32.18 -9.06 16.05
N VAL B 235 32.21 -10.30 16.50
CA VAL B 235 31.20 -10.85 17.38
C VAL B 235 31.73 -10.82 18.80
N LEU B 236 31.00 -10.17 19.70
CA LEU B 236 31.40 -10.03 21.09
C LEU B 236 30.30 -10.58 21.99
N VAL B 237 30.53 -11.76 22.55
CA VAL B 237 29.62 -12.35 23.52
C VAL B 237 30.04 -11.88 24.90
N LEU B 238 29.10 -11.27 25.63
CA LEU B 238 29.38 -10.69 26.93
C LEU B 238 28.77 -11.55 28.04
N ASP B 239 29.52 -11.74 29.11
CA ASP B 239 29.09 -12.50 30.27
C ASP B 239 28.84 -11.56 31.44
N LYS B 240 28.22 -12.10 32.48
CA LYS B 240 27.91 -11.33 33.69
C LYS B 240 29.14 -11.17 34.58
N ARG B 252 24.45 -4.12 35.74
CA ARG B 252 24.59 -3.03 34.77
C ARG B 252 25.98 -3.04 34.16
N LYS B 253 26.77 -4.06 34.50
CA LYS B 253 28.13 -4.20 34.01
C LYS B 253 28.22 -5.46 33.15
N ARG B 254 28.80 -5.31 31.96
CA ARG B 254 29.03 -6.43 31.06
C ARG B 254 30.53 -6.75 31.06
N CYS B 255 30.86 -7.98 31.39
CA CYS B 255 32.25 -8.40 31.60
C CYS B 255 32.64 -9.43 30.56
N HIS B 256 33.55 -9.05 29.66
CA HIS B 256 34.20 -10.00 28.77
C HIS B 256 35.44 -10.56 29.46
N LYS B 257 36.19 -11.38 28.74
CA LYS B 257 37.42 -11.94 29.27
C LYS B 257 38.49 -10.86 29.37
N HIS B 258 38.88 -10.53 30.61
CA HIS B 258 39.93 -9.54 30.87
C HIS B 258 39.59 -8.18 30.27
N GLN B 259 38.30 -7.84 30.27
CA GLN B 259 37.84 -6.54 29.80
C GLN B 259 36.43 -6.30 30.33
N VAL B 260 36.14 -5.05 30.65
CA VAL B 260 34.88 -4.67 31.30
C VAL B 260 34.21 -3.60 30.45
N PHE B 261 32.91 -3.76 30.24
CA PHE B 261 32.09 -2.77 29.54
C PHE B 261 30.89 -2.41 30.40
N ASP B 262 30.37 -1.21 30.18
CA ASP B 262 29.14 -0.77 30.80
C ASP B 262 27.97 -1.20 29.92
N TYR B 263 26.94 -1.81 30.54
CA TYR B 263 25.86 -2.42 29.76
C TYR B 263 25.10 -1.43 28.89
N PRO B 264 24.62 -0.28 29.39
CA PRO B 264 23.92 0.65 28.50
C PRO B 264 24.77 1.14 27.34
N GLN B 265 26.06 1.37 27.57
CA GLN B 265 26.89 2.05 26.58
C GLN B 265 27.66 1.10 25.67
N VAL B 266 27.78 -0.18 26.03
CA VAL B 266 28.45 -1.12 25.15
C VAL B 266 27.64 -1.33 23.88
N LEU B 267 26.31 -1.30 23.98
CA LEU B 267 25.45 -1.50 22.83
C LEU B 267 25.63 -0.42 21.78
N GLN B 268 26.16 0.74 22.16
CA GLN B 268 26.36 1.82 21.21
C GLN B 268 27.49 1.54 20.23
N GLU B 269 28.37 0.58 20.55
CA GLU B 269 29.53 0.29 19.71
C GLU B 269 29.29 -0.83 18.71
N ALA B 270 28.08 -1.37 18.63
CA ALA B 270 27.76 -2.48 17.75
C ALA B 270 26.66 -2.09 16.78
N THR B 271 26.76 -2.57 15.54
CA THR B 271 25.74 -2.32 14.53
C THR B 271 24.65 -3.36 14.52
N PHE B 272 24.80 -4.45 15.28
CA PHE B 272 23.76 -5.45 15.46
C PHE B 272 23.79 -5.92 16.91
N CYS B 273 22.61 -6.02 17.51
CA CYS B 273 22.47 -6.55 18.86
C CYS B 273 21.54 -7.76 18.82
N VAL B 274 21.92 -8.82 19.53
CA VAL B 274 21.21 -10.08 19.50
C VAL B 274 20.27 -10.16 20.68
N VAL B 275 19.00 -10.44 20.41
CA VAL B 275 17.99 -10.70 21.43
C VAL B 275 17.58 -12.16 21.30
N LEU B 276 17.68 -12.89 22.39
CA LEU B 276 17.38 -14.31 22.42
C LEU B 276 16.21 -14.60 23.36
N ARG B 277 15.70 -15.83 23.30
CA ARG B 277 14.61 -16.27 24.15
C ARG B 277 15.20 -17.02 25.33
N GLY B 278 15.35 -16.33 26.46
CA GLY B 278 15.79 -16.98 27.68
C GLY B 278 14.61 -17.47 28.50
N ALA B 279 13.59 -16.62 28.61
CA ALA B 279 12.39 -16.93 29.36
C ALA B 279 11.31 -15.92 28.97
N ARG B 280 10.05 -16.35 29.08
CA ARG B 280 8.86 -15.55 28.81
C ARG B 280 8.74 -15.14 27.35
N LEU B 281 9.70 -15.50 26.50
CA LEU B 281 9.74 -15.21 25.06
C LEU B 281 9.89 -13.71 24.78
N GLY B 282 9.80 -12.85 25.80
CA GLY B 282 9.98 -11.43 25.62
C GLY B 282 10.92 -10.87 26.66
N GLN B 283 12.03 -10.28 26.21
CA GLN B 283 13.08 -9.81 27.09
C GLN B 283 13.13 -8.29 27.07
N ALA B 284 13.42 -7.71 28.24
CA ALA B 284 13.55 -6.26 28.34
C ALA B 284 14.73 -5.71 27.56
N VAL B 285 15.64 -6.58 27.10
CA VAL B 285 16.79 -6.13 26.34
C VAL B 285 16.37 -5.53 25.01
N LEU B 286 15.16 -5.83 24.53
CA LEU B 286 14.71 -5.27 23.25
C LEU B 286 14.64 -3.75 23.31
N SER B 287 14.08 -3.21 24.39
CA SER B 287 13.97 -1.77 24.52
C SER B 287 15.34 -1.10 24.59
N ASP B 288 16.26 -1.71 25.33
CA ASP B 288 17.61 -1.15 25.43
C ASP B 288 18.32 -1.20 24.08
N VAL B 289 18.14 -2.29 23.34
CA VAL B 289 18.75 -2.42 22.02
C VAL B 289 18.22 -1.34 21.08
N LEU B 290 16.90 -1.11 21.11
CA LEU B 290 16.33 -0.05 20.29
C LEU B 290 16.81 1.32 20.72
N GLN B 291 16.94 1.55 22.04
CA GLN B 291 17.40 2.83 22.55
C GLN B 291 18.82 3.13 22.11
N ALA B 292 19.71 2.14 22.19
CA ALA B 292 21.10 2.36 21.84
C ALA B 292 21.31 2.51 20.35
N GLY B 293 20.33 2.15 19.53
CA GLY B 293 20.42 2.33 18.10
C GLY B 293 20.83 1.11 17.30
N CYS B 294 21.33 0.06 17.95
CA CYS B 294 21.70 -1.14 17.21
C CYS B 294 20.46 -1.91 16.78
N VAL B 295 20.55 -2.53 15.62
CA VAL B 295 19.41 -3.27 15.08
C VAL B 295 19.21 -4.57 15.86
N PRO B 296 18.03 -4.82 16.41
CA PRO B 296 17.84 -6.07 17.16
C PRO B 296 17.75 -7.26 16.22
N VAL B 297 18.47 -8.32 16.56
CA VAL B 297 18.38 -9.58 15.83
C VAL B 297 17.68 -10.57 16.74
N VAL B 298 16.36 -10.64 16.63
CA VAL B 298 15.57 -11.54 17.47
C VAL B 298 15.72 -12.95 16.91
N ILE B 299 16.31 -13.84 17.70
CA ILE B 299 16.46 -15.24 17.31
C ILE B 299 15.53 -16.04 18.21
N ALA B 300 14.46 -15.41 18.65
CA ALA B 300 13.41 -16.06 19.44
C ALA B 300 12.27 -16.42 18.48
N ASP B 301 12.30 -17.65 17.99
CA ASP B 301 11.27 -18.11 17.07
C ASP B 301 9.93 -18.16 17.79
N SER B 302 8.85 -18.04 17.00
CA SER B 302 7.47 -18.01 17.48
C SER B 302 7.17 -16.78 18.34
N TYR B 303 7.99 -15.74 18.27
CA TYR B 303 7.78 -14.53 19.05
C TYR B 303 7.16 -13.46 18.16
N ILE B 304 6.04 -12.90 18.60
CA ILE B 304 5.36 -11.83 17.89
C ILE B 304 5.90 -10.50 18.44
N LEU B 305 6.58 -9.76 17.59
CA LEU B 305 7.21 -8.52 18.02
C LEU B 305 6.15 -7.51 18.46
N PRO B 306 6.47 -6.70 19.47
CA PRO B 306 5.45 -5.78 20.00
C PRO B 306 4.97 -4.78 18.96
N PHE B 307 3.66 -4.52 18.99
CA PHE B 307 3.00 -3.60 18.07
C PHE B 307 3.29 -3.98 16.61
N SER B 308 3.39 -5.28 16.34
CA SER B 308 3.58 -5.75 14.98
C SER B 308 2.35 -5.55 14.11
N GLU B 309 1.20 -5.26 14.72
CA GLU B 309 -0.02 -5.05 13.94
C GLU B 309 0.09 -3.82 13.07
N VAL B 310 0.66 -2.74 13.60
CA VAL B 310 0.75 -1.46 12.90
C VAL B 310 2.19 -1.13 12.52
N LEU B 311 3.14 -1.41 13.41
CA LEU B 311 4.53 -1.12 13.11
C LEU B 311 5.10 -2.12 12.13
N ASP B 312 6.03 -1.65 11.30
CA ASP B 312 6.71 -2.49 10.32
C ASP B 312 8.06 -2.88 10.91
N TRP B 313 8.09 -4.02 11.58
CA TRP B 313 9.33 -4.52 12.16
C TRP B 313 10.31 -5.05 11.13
N LYS B 314 9.88 -5.20 9.88
CA LYS B 314 10.79 -5.69 8.84
C LYS B 314 11.80 -4.63 8.41
N ARG B 315 11.51 -3.35 8.65
CA ARG B 315 12.45 -2.27 8.35
C ARG B 315 13.22 -1.81 9.58
N ALA B 316 13.02 -2.44 10.73
CA ALA B 316 13.71 -2.06 11.95
C ALA B 316 14.47 -3.19 12.64
N SER B 317 14.18 -4.45 12.32
CA SER B 317 14.84 -5.57 12.96
C SER B 317 15.01 -6.70 11.96
N VAL B 318 15.95 -7.59 12.27
CA VAL B 318 16.19 -8.80 11.48
C VAL B 318 15.83 -10.00 12.34
N VAL B 319 14.95 -10.85 11.84
CA VAL B 319 14.50 -12.03 12.57
C VAL B 319 15.08 -13.25 11.87
N VAL B 320 15.86 -14.04 12.60
CA VAL B 320 16.49 -15.25 12.09
C VAL B 320 15.99 -16.42 12.92
N PRO B 321 15.58 -17.53 12.30
CA PRO B 321 15.06 -18.65 13.08
C PRO B 321 16.13 -19.27 13.97
N GLU B 322 15.67 -19.87 15.07
CA GLU B 322 16.58 -20.41 16.08
C GLU B 322 17.47 -21.50 15.51
N GLU B 323 16.98 -22.25 14.52
CA GLU B 323 17.78 -23.32 13.93
C GLU B 323 18.99 -22.75 13.19
N LYS B 324 18.81 -21.64 12.50
CA LYS B 324 19.90 -21.04 11.71
C LYS B 324 20.68 -20.02 12.53
N MET B 325 21.15 -20.42 13.71
CA MET B 325 21.95 -19.53 14.54
C MET B 325 23.42 -19.50 14.12
N SER B 326 23.95 -20.62 13.62
CA SER B 326 25.26 -20.61 13.02
C SER B 326 25.28 -19.85 11.69
N ASP B 327 24.11 -19.61 11.10
CA ASP B 327 24.01 -18.88 9.85
C ASP B 327 23.76 -17.39 10.09
N VAL B 328 23.72 -16.94 11.34
CA VAL B 328 23.40 -15.55 11.65
C VAL B 328 24.41 -14.61 11.00
N TYR B 329 25.70 -14.93 11.10
CA TYR B 329 26.71 -14.02 10.57
C TYR B 329 26.60 -13.90 9.05
N SER B 330 26.41 -15.02 8.36
CA SER B 330 26.27 -14.96 6.91
C SER B 330 25.01 -14.21 6.50
N ILE B 331 23.92 -14.38 7.24
CA ILE B 331 22.70 -13.64 6.95
C ILE B 331 22.91 -12.15 7.13
N LEU B 332 23.59 -11.76 8.21
CA LEU B 332 23.80 -10.35 8.48
C LEU B 332 24.84 -9.72 7.55
N GLN B 333 25.73 -10.52 6.95
CA GLN B 333 26.65 -9.97 5.97
C GLN B 333 25.95 -9.60 4.66
N SER B 334 24.80 -10.21 4.38
CA SER B 334 24.10 -9.95 3.13
C SER B 334 23.41 -8.59 3.10
N ILE B 335 23.30 -7.91 4.23
CA ILE B 335 22.58 -6.64 4.31
C ILE B 335 23.52 -5.49 3.96
N PRO B 336 23.15 -4.63 3.02
CA PRO B 336 23.99 -3.47 2.70
C PRO B 336 23.92 -2.41 3.79
N GLN B 337 24.88 -1.48 3.72
CA GLN B 337 25.04 -0.49 4.79
C GLN B 337 23.88 0.51 4.81
N ARG B 338 23.32 0.82 3.65
CA ARG B 338 22.20 1.78 3.60
C ARG B 338 21.01 1.25 4.38
N GLN B 339 20.67 -0.03 4.20
CA GLN B 339 19.61 -0.61 5.00
C GLN B 339 20.00 -0.71 6.46
N ILE B 340 21.29 -0.80 6.77
CA ILE B 340 21.74 -0.75 8.15
C ILE B 340 21.38 0.60 8.77
N GLU B 341 21.70 1.68 8.07
CA GLU B 341 21.38 3.01 8.57
C GLU B 341 19.88 3.18 8.72
N GLU B 342 19.11 2.72 7.73
CA GLU B 342 17.65 2.82 7.81
C GLU B 342 17.12 2.07 9.02
N MET B 343 17.61 0.85 9.25
CA MET B 343 17.13 0.06 10.38
C MET B 343 17.52 0.70 11.70
N GLN B 344 18.71 1.29 11.79
CA GLN B 344 19.12 1.97 13.01
C GLN B 344 18.20 3.16 13.30
N ARG B 345 17.91 3.95 12.26
CA ARG B 345 17.03 5.10 12.46
C ARG B 345 15.62 4.65 12.85
N GLN B 346 15.13 3.58 12.22
CA GLN B 346 13.81 3.06 12.56
C GLN B 346 13.77 2.57 14.00
N ALA B 347 14.84 1.89 14.44
CA ALA B 347 14.89 1.41 15.82
C ALA B 347 14.90 2.57 16.81
N ARG B 348 15.70 3.61 16.53
CA ARG B 348 15.72 4.77 17.40
C ARG B 348 14.35 5.44 17.46
N TRP B 349 13.69 5.58 16.31
CA TRP B 349 12.37 6.19 16.28
C TRP B 349 11.35 5.35 17.04
N PHE B 350 11.41 4.03 16.88
CA PHE B 350 10.48 3.16 17.59
C PHE B 350 10.67 3.27 19.08
N TRP B 351 11.91 3.34 19.55
CA TRP B 351 12.13 3.51 20.98
C TRP B 351 11.60 4.85 21.46
N GLU B 352 11.90 5.93 20.71
CA GLU B 352 11.54 7.29 21.21
C GLU B 352 10.05 7.57 21.09
N ALA B 353 9.28 6.67 20.48
CA ALA B 353 7.86 6.97 20.21
C ALA B 353 6.95 5.95 20.86
N TYR B 354 7.40 4.72 21.01
CA TYR B 354 6.54 3.65 21.55
C TYR B 354 7.20 3.00 22.77
N PHE B 355 8.52 2.84 22.82
CA PHE B 355 9.19 2.12 23.89
C PHE B 355 9.71 3.03 24.99
N GLN B 356 9.77 4.34 24.76
CA GLN B 356 10.49 5.24 25.65
C GLN B 356 9.90 5.24 27.05
N SER B 357 8.59 5.41 27.15
CA SER B 357 7.94 5.54 28.44
C SER B 357 6.68 4.70 28.46
N ILE B 358 6.17 4.48 29.67
CA ILE B 358 4.91 3.76 29.83
C ILE B 358 3.78 4.54 29.18
N LYS B 359 3.87 5.87 29.16
CA LYS B 359 2.85 6.68 28.53
C LYS B 359 2.75 6.38 27.04
N ALA B 360 3.90 6.24 26.37
CA ALA B 360 3.88 5.91 24.95
C ALA B 360 3.23 4.56 24.71
N ILE B 361 3.54 3.58 25.56
CA ILE B 361 2.96 2.24 25.41
C ILE B 361 1.44 2.30 25.57
N ALA B 362 0.98 2.98 26.63
CA ALA B 362 -0.45 3.07 26.88
C ALA B 362 -1.16 3.78 25.74
N LEU B 363 -0.59 4.90 25.26
CA LEU B 363 -1.22 5.64 24.18
C LEU B 363 -1.27 4.82 22.90
N ALA B 364 -0.19 4.13 22.56
CA ALA B 364 -0.19 3.31 21.35
C ALA B 364 -1.18 2.16 21.46
N THR B 365 -1.27 1.53 22.64
CA THR B 365 -2.22 0.44 22.81
C THR B 365 -3.66 0.92 22.66
N LEU B 366 -4.01 1.99 23.37
CA LEU B 366 -5.37 2.51 23.28
C LEU B 366 -5.68 3.00 21.87
N GLN B 367 -4.67 3.54 21.16
CA GLN B 367 -4.88 4.01 19.81
C GLN B 367 -5.08 2.87 18.83
N ILE B 368 -4.35 1.76 19.01
CA ILE B 368 -4.56 0.58 18.19
C ILE B 368 -5.96 0.03 18.41
N ILE B 369 -6.38 -0.04 19.67
CA ILE B 369 -7.73 -0.53 19.97
C ILE B 369 -8.78 0.39 19.34
N ASN B 370 -8.58 1.70 19.45
CA ASN B 370 -9.51 2.66 18.87
C ASN B 370 -9.59 2.52 17.35
N ASP B 371 -8.44 2.31 16.71
CA ASP B 371 -8.45 2.04 15.27
C ASP B 371 -9.19 0.76 14.95
N ARG B 372 -9.07 -0.25 15.81
CA ARG B 372 -9.82 -1.49 15.60
C ARG B 372 -11.32 -1.24 15.67
N ILE B 373 -11.77 -0.44 16.65
CA ILE B 373 -13.20 -0.21 16.83
C ILE B 373 -13.76 0.82 15.88
N TYR B 374 -12.90 1.65 15.27
CA TYR B 374 -13.33 2.64 14.28
C TYR B 374 -12.37 2.58 13.09
N PRO B 375 -12.47 1.52 12.29
CA PRO B 375 -11.49 1.32 11.20
C PRO B 375 -11.43 2.46 10.21
N TYR B 376 -12.55 3.14 9.95
CA TYR B 376 -12.58 4.25 8.99
C TYR B 376 -11.81 5.46 9.48
N ALA B 377 -11.39 5.49 10.75
CA ALA B 377 -10.64 6.59 11.32
C ALA B 377 -9.19 6.24 11.65
N ALA B 378 -8.82 4.96 11.52
CA ALA B 378 -7.46 4.51 11.82
C ALA B 378 -6.42 5.41 11.18
N ILE B 379 -5.38 5.73 11.95
CA ILE B 379 -4.32 6.59 11.44
C ILE B 379 -3.49 5.87 10.38
N SER B 380 -2.76 6.65 9.60
CA SER B 380 -2.04 6.10 8.46
C SER B 380 -0.84 5.26 8.90
N TYR B 381 -0.45 4.33 8.02
CA TYR B 381 0.76 3.54 8.20
C TYR B 381 2.00 4.43 8.27
N GLU B 382 2.07 5.44 7.41
CA GLU B 382 3.21 6.34 7.40
C GLU B 382 3.33 7.08 8.73
N GLU B 383 2.21 7.52 9.28
CA GLU B 383 2.23 8.13 10.61
C GLU B 383 2.69 7.13 11.66
N TRP B 384 2.36 5.85 11.47
CA TRP B 384 2.75 4.84 12.43
C TRP B 384 4.26 4.64 12.47
N ASN B 385 4.90 4.54 11.30
CA ASN B 385 6.29 4.11 11.28
C ASN B 385 7.16 5.03 10.44
N ASP B 386 7.06 6.33 10.67
CA ASP B 386 8.01 7.26 10.07
C ASP B 386 8.69 8.08 11.15
N PRO B 387 10.02 8.12 11.19
CA PRO B 387 10.69 9.12 11.99
C PRO B 387 10.34 10.51 11.51
N PRO B 388 10.34 11.50 12.39
CA PRO B 388 9.94 12.85 11.96
C PRO B 388 10.76 13.41 10.82
N ALA B 389 12.02 12.99 10.68
CA ALA B 389 12.84 13.48 9.56
C ALA B 389 12.24 13.07 8.23
N VAL B 390 11.97 11.77 8.06
CA VAL B 390 11.38 11.30 6.82
C VAL B 390 9.90 11.65 6.75
N LYS B 391 9.26 11.88 7.89
CA LYS B 391 7.88 12.35 7.86
C LYS B 391 7.78 13.74 7.26
N TRP B 392 8.71 14.63 7.61
CA TRP B 392 8.79 15.93 6.96
C TRP B 392 9.25 15.79 5.52
N GLY B 393 10.16 14.86 5.25
CA GLY B 393 10.60 14.63 3.89
C GLY B 393 9.68 13.79 3.04
N SER B 394 8.63 13.22 3.63
CA SER B 394 7.70 12.38 2.89
C SER B 394 6.85 13.22 1.95
N VAL B 395 6.14 12.53 1.05
CA VAL B 395 5.31 13.19 0.05
C VAL B 395 3.86 12.74 0.20
N SER B 396 3.61 11.44 0.00
CA SER B 396 2.27 10.86 0.09
C SER B 396 1.30 11.57 -0.86
N ASN B 397 1.56 11.41 -2.15
CA ASN B 397 0.75 12.05 -3.18
C ASN B 397 -0.68 11.49 -3.14
N PRO B 398 -1.70 12.34 -2.96
CA PRO B 398 -3.09 11.83 -2.93
C PRO B 398 -3.60 11.38 -4.29
N LEU B 399 -3.04 11.89 -5.39
CA LEU B 399 -3.38 11.43 -6.73
C LEU B 399 -2.25 10.53 -7.23
N PHE B 400 -2.32 9.26 -6.83
CA PHE B 400 -1.24 8.32 -7.08
C PHE B 400 -1.58 7.22 -8.07
N LEU B 401 -2.83 7.11 -8.50
CA LEU B 401 -3.20 6.08 -9.45
C LEU B 401 -2.67 6.43 -10.84
N PRO B 402 -1.99 5.51 -11.52
CA PRO B 402 -1.49 5.79 -12.88
C PRO B 402 -2.56 5.59 -13.96
N LEU B 403 -3.62 6.38 -13.86
CA LEU B 403 -4.72 6.32 -14.82
C LEU B 403 -4.64 7.49 -15.78
N ILE B 404 -4.98 7.23 -17.05
CA ILE B 404 -4.96 8.25 -18.10
C ILE B 404 -6.40 8.52 -18.51
N PRO B 405 -6.98 9.64 -18.09
CA PRO B 405 -8.35 9.97 -18.52
C PRO B 405 -8.42 10.16 -20.03
N PRO B 406 -9.53 9.77 -20.65
CA PRO B 406 -9.63 9.88 -22.11
C PRO B 406 -10.05 11.26 -22.58
N GLN B 407 -10.27 11.40 -23.88
CA GLN B 407 -10.64 12.68 -24.49
C GLN B 407 -12.12 13.01 -24.35
N SER B 408 -12.92 12.11 -23.78
CA SER B 408 -14.36 12.37 -23.66
C SER B 408 -14.63 13.62 -22.84
N GLN B 409 -13.96 13.74 -21.70
CA GLN B 409 -14.03 14.96 -20.91
C GLN B 409 -12.97 15.95 -21.38
N GLY B 410 -13.06 17.17 -20.87
CA GLY B 410 -12.11 18.21 -21.22
C GLY B 410 -11.69 19.00 -20.00
N PHE B 411 -11.59 20.32 -20.18
CA PHE B 411 -11.15 21.22 -19.13
C PHE B 411 -12.10 22.38 -19.02
N THR B 412 -12.43 22.76 -17.78
CA THR B 412 -13.28 23.91 -17.51
C THR B 412 -12.36 25.13 -17.34
N ALA B 413 -12.21 25.91 -18.40
CA ALA B 413 -11.33 27.06 -18.36
C ALA B 413 -11.91 28.15 -17.47
N ILE B 414 -11.06 28.73 -16.63
CA ILE B 414 -11.42 29.81 -15.73
C ILE B 414 -10.59 31.02 -16.09
N VAL B 415 -11.24 32.13 -16.39
CA VAL B 415 -10.57 33.37 -16.75
C VAL B 415 -10.87 34.40 -15.67
N LEU B 416 -9.82 34.93 -15.07
CA LEU B 416 -9.95 35.90 -13.98
C LEU B 416 -9.65 37.29 -14.54
N THR B 417 -10.61 38.21 -14.40
CA THR B 417 -10.44 39.55 -14.92
C THR B 417 -10.94 40.57 -13.91
N TYR B 418 -10.20 41.67 -13.81
CA TYR B 418 -10.63 42.86 -13.08
C TYR B 418 -11.11 43.89 -14.11
N ASP B 419 -10.20 44.27 -15.00
CA ASP B 419 -10.50 45.19 -16.09
C ASP B 419 -9.96 44.56 -17.36
N ARG B 420 -9.78 45.33 -18.44
CA ARG B 420 -9.36 44.82 -19.73
C ARG B 420 -10.37 43.80 -20.27
N VAL B 421 -11.53 44.34 -20.65
CA VAL B 421 -12.59 43.55 -21.26
C VAL B 421 -12.52 43.60 -22.78
N GLU B 422 -11.36 43.96 -23.33
CA GLU B 422 -11.13 43.91 -24.77
C GLU B 422 -10.15 42.82 -25.16
N SER B 423 -9.19 42.49 -24.28
CA SER B 423 -8.39 41.29 -24.44
C SER B 423 -9.15 40.05 -23.99
N LEU B 424 -10.07 40.21 -23.03
CA LEU B 424 -10.85 39.07 -22.56
C LEU B 424 -11.71 38.48 -23.67
N PHE B 425 -12.30 39.33 -24.51
CA PHE B 425 -13.04 38.82 -25.66
C PHE B 425 -12.10 38.07 -26.61
N ARG B 426 -10.90 38.60 -26.80
CA ARG B 426 -9.89 37.87 -27.57
C ARG B 426 -9.56 36.54 -26.91
N VAL B 427 -9.47 36.53 -25.59
CA VAL B 427 -9.13 35.30 -24.86
C VAL B 427 -10.22 34.25 -25.07
N ILE B 428 -11.49 34.66 -24.95
CA ILE B 428 -12.60 33.73 -25.14
C ILE B 428 -12.62 33.22 -26.57
N THR B 429 -12.41 34.11 -27.54
CA THR B 429 -12.40 33.70 -28.94
C THR B 429 -11.28 32.69 -29.20
N GLU B 430 -10.11 32.92 -28.64
CA GLU B 430 -8.97 32.04 -28.91
C GLU B 430 -9.12 30.70 -28.17
N VAL B 431 -9.62 30.73 -26.94
CA VAL B 431 -9.79 29.51 -26.16
C VAL B 431 -10.90 28.64 -26.75
N SER B 432 -11.99 29.27 -27.18
CA SER B 432 -13.13 28.51 -27.68
C SER B 432 -12.80 27.72 -28.93
N LYS B 433 -11.78 28.11 -29.69
CA LYS B 433 -11.44 27.41 -30.92
C LYS B 433 -10.81 26.05 -30.68
N VAL B 434 -10.27 25.81 -29.49
CA VAL B 434 -9.58 24.55 -29.21
C VAL B 434 -10.60 23.42 -29.09
N PRO B 435 -10.25 22.20 -29.49
CA PRO B 435 -11.12 21.06 -29.20
C PRO B 435 -11.05 20.66 -27.74
N SER B 436 -12.02 19.86 -27.33
CA SER B 436 -12.14 19.24 -26.01
C SER B 436 -12.46 20.22 -24.90
N LEU B 437 -12.48 21.54 -25.17
CA LEU B 437 -12.94 22.48 -24.17
C LEU B 437 -14.42 22.23 -23.87
N SER B 438 -14.77 22.27 -22.59
CA SER B 438 -16.11 21.95 -22.15
C SER B 438 -16.87 23.16 -21.62
N LYS B 439 -16.25 23.94 -20.74
CA LYS B 439 -16.94 25.03 -20.06
C LYS B 439 -15.97 26.18 -19.87
N LEU B 440 -16.35 27.36 -20.36
CA LEU B 440 -15.50 28.55 -20.26
C LEU B 440 -16.06 29.46 -19.17
N LEU B 441 -15.70 29.15 -17.93
CA LEU B 441 -16.13 29.98 -16.81
C LEU B 441 -15.34 31.28 -16.77
N VAL B 442 -16.05 32.39 -16.61
CA VAL B 442 -15.43 33.70 -16.43
C VAL B 442 -15.87 34.23 -15.08
N VAL B 443 -14.91 34.62 -14.25
CA VAL B 443 -15.17 35.10 -12.90
C VAL B 443 -14.98 36.61 -12.89
N TRP B 444 -15.98 37.32 -12.39
CA TRP B 444 -15.99 38.78 -12.38
C TRP B 444 -15.77 39.24 -10.95
N ASN B 445 -14.68 39.97 -10.72
CA ASN B 445 -14.27 40.34 -9.38
C ASN B 445 -14.63 41.77 -9.00
N ASN B 446 -14.99 42.61 -9.97
CA ASN B 446 -15.28 44.01 -9.68
C ASN B 446 -16.65 44.13 -9.04
N GLN B 447 -16.69 44.74 -7.85
CA GLN B 447 -17.95 45.08 -7.23
C GLN B 447 -18.63 46.27 -7.90
N ASN B 448 -17.88 47.06 -8.67
CA ASN B 448 -18.40 48.27 -9.28
C ASN B 448 -18.83 48.05 -10.73
N LYS B 449 -17.89 47.66 -11.59
CA LYS B 449 -18.18 47.49 -13.01
C LYS B 449 -18.92 46.19 -13.27
N ASN B 450 -20.01 46.27 -14.04
CA ASN B 450 -20.80 45.12 -14.41
C ASN B 450 -20.31 44.53 -15.73
N PRO B 451 -20.44 43.21 -15.90
CA PRO B 451 -20.01 42.59 -17.15
C PRO B 451 -20.97 42.93 -18.28
N PRO B 452 -20.49 42.97 -19.52
CA PRO B 452 -21.37 43.21 -20.67
C PRO B 452 -22.36 42.06 -20.84
N GLU B 453 -23.64 42.34 -20.67
CA GLU B 453 -24.68 41.34 -20.83
C GLU B 453 -25.15 41.30 -22.28
N ASP B 454 -25.35 40.09 -22.80
CA ASP B 454 -25.79 39.82 -24.17
C ASP B 454 -24.80 40.32 -25.22
N SER B 455 -23.62 40.76 -24.80
CA SER B 455 -22.57 41.16 -25.73
C SER B 455 -21.40 40.17 -25.75
N LEU B 456 -21.46 39.13 -24.93
CA LEU B 456 -20.38 38.16 -24.85
C LEU B 456 -20.35 37.24 -26.08
N VAL B 462 -18.09 25.26 -25.07
CA VAL B 462 -19.03 26.22 -25.65
C VAL B 462 -19.89 26.91 -24.59
N PRO B 463 -20.46 26.17 -23.63
CA PRO B 463 -21.19 26.84 -22.55
C PRO B 463 -20.31 27.82 -21.78
N LEU B 464 -20.90 28.97 -21.42
CA LEU B 464 -20.18 30.03 -20.73
C LEU B 464 -21.00 30.49 -19.53
N LYS B 465 -20.35 30.59 -18.38
CA LYS B 465 -20.97 31.07 -17.15
C LYS B 465 -20.15 32.20 -16.58
N VAL B 466 -20.80 33.30 -16.24
CA VAL B 466 -20.16 34.46 -15.62
C VAL B 466 -20.58 34.50 -14.16
N VAL B 467 -19.61 34.50 -13.26
CA VAL B 467 -19.85 34.45 -11.82
C VAL B 467 -19.36 35.75 -11.20
N ARG B 468 -20.17 36.32 -10.33
CA ARG B 468 -19.83 37.54 -9.60
C ARG B 468 -19.34 37.18 -8.20
N THR B 469 -18.23 37.79 -7.80
CA THR B 469 -17.62 37.51 -6.52
C THR B 469 -18.20 38.40 -5.43
N ALA B 470 -18.36 37.83 -4.24
CA ALA B 470 -18.78 38.64 -3.09
C ALA B 470 -17.72 39.68 -2.74
N GLU B 471 -16.44 39.28 -2.79
CA GLU B 471 -15.33 40.18 -2.51
C GLU B 471 -14.30 40.07 -3.61
N ASN B 472 -13.62 41.18 -3.89
CA ASN B 472 -12.57 41.22 -4.90
C ASN B 472 -11.29 40.72 -4.26
N LYS B 473 -11.08 39.41 -4.34
CA LYS B 473 -9.85 38.78 -3.88
C LYS B 473 -9.25 37.99 -5.03
N LEU B 474 -7.92 38.05 -5.14
CA LEU B 474 -7.22 37.38 -6.23
C LEU B 474 -7.37 35.86 -6.16
N SER B 475 -7.71 35.32 -4.98
CA SER B 475 -7.83 33.88 -4.79
C SER B 475 -9.21 33.35 -5.17
N ASN B 476 -9.98 34.10 -5.95
CA ASN B 476 -11.30 33.64 -6.41
C ASN B 476 -11.23 32.86 -7.72
N ARG B 477 -10.06 32.76 -8.33
CA ARG B 477 -9.89 31.89 -9.49
C ARG B 477 -9.63 30.44 -9.12
N PHE B 478 -9.48 30.14 -7.82
CA PHE B 478 -9.11 28.81 -7.36
C PHE B 478 -10.19 28.15 -6.53
N PHE B 479 -11.38 28.72 -6.44
CA PHE B 479 -12.43 28.11 -5.65
C PHE B 479 -12.97 26.88 -6.36
N PRO B 480 -13.30 25.80 -5.62
CA PRO B 480 -13.91 24.63 -6.24
C PRO B 480 -15.38 24.89 -6.56
N TYR B 481 -15.67 25.11 -7.84
CA TYR B 481 -17.04 25.37 -8.28
C TYR B 481 -17.72 24.07 -8.64
N ASP B 482 -18.93 23.87 -8.13
CA ASP B 482 -19.70 22.67 -8.47
C ASP B 482 -20.09 22.63 -9.93
N GLU B 483 -20.04 23.76 -10.64
CA GLU B 483 -20.33 23.77 -12.06
C GLU B 483 -19.23 23.13 -12.89
N ILE B 484 -18.07 22.85 -12.31
CA ILE B 484 -16.98 22.17 -13.01
C ILE B 484 -17.25 20.67 -12.95
N GLU B 485 -17.54 20.07 -14.11
CA GLU B 485 -17.82 18.65 -14.21
C GLU B 485 -16.63 17.85 -14.76
N THR B 486 -15.49 18.49 -14.95
CA THR B 486 -14.31 17.83 -15.47
C THR B 486 -13.21 17.85 -14.41
N GLU B 487 -12.01 17.40 -14.80
CA GLU B 487 -10.87 17.33 -13.90
C GLU B 487 -9.79 18.33 -14.24
N ALA B 488 -9.39 18.41 -15.51
CA ALA B 488 -8.45 19.43 -15.93
C ALA B 488 -9.09 20.81 -15.81
N VAL B 489 -8.31 21.76 -15.30
CA VAL B 489 -8.75 23.15 -15.18
C VAL B 489 -7.69 24.03 -15.81
N LEU B 490 -8.08 24.80 -16.81
CA LEU B 490 -7.17 25.72 -17.49
C LEU B 490 -7.43 27.13 -16.96
N ALA B 491 -6.56 27.59 -16.07
CA ALA B 491 -6.61 28.97 -15.59
C ALA B 491 -5.77 29.83 -16.52
N ILE B 492 -6.40 30.83 -17.13
CA ILE B 492 -5.74 31.70 -18.11
C ILE B 492 -6.18 33.14 -17.87
N ASP B 493 -5.23 34.07 -17.95
CA ASP B 493 -5.50 35.49 -17.77
C ASP B 493 -5.65 36.18 -19.10
N ASP B 494 -6.17 37.42 -19.05
CA ASP B 494 -6.43 38.16 -20.28
C ASP B 494 -5.14 38.60 -20.96
N ASP B 495 -4.10 38.90 -20.18
CA ASP B 495 -2.88 39.47 -20.78
C ASP B 495 -2.22 38.51 -21.75
N ILE B 496 -2.40 37.21 -21.56
CA ILE B 496 -1.79 36.22 -22.44
C ILE B 496 -2.66 36.08 -23.69
N ILE B 497 -2.12 36.49 -24.83
CA ILE B 497 -2.83 36.38 -26.10
C ILE B 497 -2.06 35.64 -27.17
N MET B 498 -0.75 35.47 -27.03
CA MET B 498 0.06 34.78 -28.05
C MET B 498 0.03 33.28 -27.85
N LEU B 499 -1.17 32.71 -27.77
CA LEU B 499 -1.38 31.28 -27.71
C LEU B 499 -2.31 30.87 -28.84
N THR B 500 -2.02 29.74 -29.47
CA THR B 500 -2.86 29.18 -30.51
C THR B 500 -3.64 28.00 -29.96
N SER B 501 -4.60 27.53 -30.76
CA SER B 501 -5.43 26.40 -30.34
C SER B 501 -4.62 25.12 -30.18
N ASP B 502 -3.68 24.88 -31.09
CA ASP B 502 -2.89 23.66 -31.04
C ASP B 502 -2.03 23.61 -29.79
N GLU B 503 -1.53 24.76 -29.32
CA GLU B 503 -0.72 24.78 -28.12
C GLU B 503 -1.55 24.37 -26.90
N LEU B 504 -2.76 24.91 -26.76
CA LEU B 504 -3.62 24.53 -25.66
C LEU B 504 -4.02 23.06 -25.76
N GLN B 505 -4.28 22.57 -26.97
CA GLN B 505 -4.63 21.17 -27.14
C GLN B 505 -3.48 20.26 -26.73
N PHE B 506 -2.25 20.60 -27.14
CA PHE B 506 -1.10 19.80 -26.76
C PHE B 506 -0.85 19.87 -25.26
N GLY B 507 -1.10 21.04 -24.66
CA GLY B 507 -1.02 21.13 -23.21
C GLY B 507 -1.99 20.21 -22.51
N TYR B 508 -3.22 20.15 -23.01
CA TYR B 508 -4.19 19.21 -22.43
C TYR B 508 -3.73 17.77 -22.63
N GLU B 509 -3.16 17.46 -23.79
CA GLU B 509 -2.67 16.10 -24.04
C GLU B 509 -1.56 15.74 -23.07
N VAL B 510 -0.65 16.68 -22.79
CA VAL B 510 0.41 16.43 -21.82
C VAL B 510 -0.18 16.26 -20.42
N TRP B 511 -1.20 17.04 -20.09
CA TRP B 511 -1.83 16.88 -18.78
C TRP B 511 -2.45 15.49 -18.63
N ARG B 512 -2.90 14.89 -19.74
CA ARG B 512 -3.51 13.57 -19.66
C ARG B 512 -2.54 12.55 -19.06
N GLU B 513 -1.28 12.58 -19.48
CA GLU B 513 -0.29 11.66 -18.96
C GLU B 513 0.26 12.08 -17.60
N PHE B 514 0.06 13.32 -17.20
CA PHE B 514 0.52 13.84 -15.91
C PHE B 514 -0.65 14.51 -15.20
N PRO B 515 -1.60 13.72 -14.70
CA PRO B 515 -2.81 14.31 -14.11
C PRO B 515 -2.58 15.02 -12.78
N ASP B 516 -1.44 14.83 -12.13
CA ASP B 516 -1.24 15.30 -10.76
C ASP B 516 -0.08 16.29 -10.66
N ARG B 517 0.03 17.18 -11.64
CA ARG B 517 1.05 18.22 -11.59
C ARG B 517 0.68 19.35 -12.53
N LEU B 518 1.30 20.51 -12.32
CA LEU B 518 1.04 21.66 -13.17
C LEU B 518 1.61 21.45 -14.56
N VAL B 519 0.87 21.91 -15.56
CA VAL B 519 1.33 21.94 -16.94
C VAL B 519 1.10 23.38 -17.43
N GLY B 520 2.12 24.23 -17.28
CA GLY B 520 1.99 25.64 -17.59
C GLY B 520 2.99 26.07 -18.64
N TYR B 521 2.60 27.06 -19.43
CA TYR B 521 3.41 27.55 -20.53
C TYR B 521 4.49 28.53 -20.08
N PRO B 522 4.19 29.54 -19.26
CA PRO B 522 5.25 30.43 -18.77
C PRO B 522 6.23 29.67 -17.87
N GLY B 523 7.49 30.09 -17.92
CA GLY B 523 8.52 29.47 -17.11
C GLY B 523 9.29 30.44 -16.24
N ARG B 524 9.17 30.29 -14.93
CA ARG B 524 9.87 31.13 -13.97
C ARG B 524 10.54 30.26 -12.92
N LEU B 525 11.78 30.59 -12.58
CA LEU B 525 12.56 29.81 -11.63
C LEU B 525 12.95 30.67 -10.44
N HIS B 526 13.64 30.04 -9.49
CA HIS B 526 14.15 30.72 -8.31
C HIS B 526 15.58 30.28 -8.05
N LEU B 527 16.35 31.15 -7.40
CA LEU B 527 17.76 30.92 -7.14
C LEU B 527 18.08 31.35 -5.72
N TRP B 528 19.24 30.91 -5.23
CA TRP B 528 19.71 31.26 -3.90
C TRP B 528 20.81 32.31 -4.01
N ASP B 529 20.71 33.35 -3.20
CA ASP B 529 21.68 34.45 -3.21
C ASP B 529 22.59 34.34 -2.00
N HIS B 530 23.89 34.30 -2.24
CA HIS B 530 24.85 34.18 -1.15
C HIS B 530 24.99 35.48 -0.37
N GLU B 531 24.88 36.62 -1.05
CA GLU B 531 25.10 37.90 -0.39
C GLU B 531 24.04 38.18 0.66
N MET B 532 22.77 37.97 0.32
CA MET B 532 21.68 38.27 1.24
C MET B 532 21.18 37.05 2.00
N ASN B 533 21.65 35.85 1.64
CA ASN B 533 21.20 34.61 2.27
C ASN B 533 19.67 34.44 2.19
N LYS B 534 19.08 34.89 1.09
CA LYS B 534 17.64 34.77 0.90
C LYS B 534 17.36 34.38 -0.55
N TRP B 535 16.21 33.74 -0.75
CA TRP B 535 15.80 33.32 -2.09
C TRP B 535 15.49 34.53 -2.95
N LYS B 536 15.63 34.35 -4.27
CA LYS B 536 15.29 35.40 -5.22
C LYS B 536 14.49 34.81 -6.36
N TYR B 537 13.73 35.68 -7.03
CA TYR B 537 12.86 35.32 -8.14
C TYR B 537 13.55 35.68 -9.44
N GLU B 538 13.85 34.68 -10.26
CA GLU B 538 14.63 34.88 -11.48
C GLU B 538 13.79 34.52 -12.70
N SER B 539 13.75 35.42 -13.68
CA SER B 539 13.01 35.19 -14.91
C SER B 539 13.74 35.61 -16.18
N GLU B 540 14.79 36.41 -16.09
CA GLU B 540 15.40 36.98 -17.29
C GLU B 540 16.00 35.90 -18.18
N TRP B 541 16.67 34.92 -17.60
CA TRP B 541 17.33 33.87 -18.35
C TRP B 541 16.70 32.52 -18.02
N THR B 542 16.71 31.62 -19.01
CA THR B 542 16.07 30.33 -18.89
C THR B 542 17.10 29.23 -19.16
N ASN B 543 17.61 28.64 -18.08
CA ASN B 543 18.41 27.42 -18.16
C ASN B 543 17.80 26.27 -17.38
N GLU B 544 16.96 26.55 -16.38
CA GLU B 544 16.19 25.54 -15.68
C GLU B 544 14.90 26.17 -15.21
N VAL B 545 13.90 25.32 -14.95
CA VAL B 545 12.56 25.77 -14.59
C VAL B 545 12.18 25.10 -13.27
N SER B 546 11.68 25.89 -12.33
CA SER B 546 11.18 25.39 -11.07
C SER B 546 9.72 25.73 -10.81
N MET B 547 9.17 26.72 -11.51
CA MET B 547 7.77 27.10 -11.36
C MET B 547 7.19 27.42 -12.73
N VAL B 548 5.87 27.24 -12.85
CA VAL B 548 5.11 27.67 -14.01
C VAL B 548 3.93 28.50 -13.50
N LEU B 549 3.76 29.68 -14.09
CA LEU B 549 2.75 30.61 -13.59
C LEU B 549 1.35 30.06 -13.87
N THR B 550 0.41 30.43 -13.00
CA THR B 550 -0.96 29.95 -13.14
C THR B 550 -1.62 30.42 -14.42
N GLY B 551 -1.12 31.50 -15.02
CA GLY B 551 -1.58 31.88 -16.34
C GLY B 551 -1.25 30.80 -17.35
N ALA B 552 -2.28 30.25 -18.00
CA ALA B 552 -2.13 29.15 -18.93
C ALA B 552 -1.41 27.95 -18.28
N ALA B 553 -1.99 27.50 -17.17
CA ALA B 553 -1.45 26.37 -16.42
C ALA B 553 -2.55 25.34 -16.22
N PHE B 554 -2.37 24.16 -16.80
CA PHE B 554 -3.29 23.05 -16.58
C PHE B 554 -2.98 22.42 -15.22
N TYR B 555 -4.04 22.12 -14.46
CA TYR B 555 -3.86 21.46 -13.18
C TYR B 555 -5.16 20.80 -12.78
N HIS B 556 -5.05 19.90 -11.81
CA HIS B 556 -6.21 19.16 -11.32
C HIS B 556 -7.07 20.06 -10.44
N LYS B 557 -8.38 19.81 -10.48
CA LYS B 557 -9.31 20.58 -9.65
C LYS B 557 -9.08 20.32 -8.17
N TYR B 558 -8.54 19.15 -7.83
CA TYR B 558 -8.19 18.89 -6.44
C TYR B 558 -7.16 19.88 -5.92
N PHE B 559 -6.33 20.42 -6.81
CA PHE B 559 -5.43 21.49 -6.40
C PHE B 559 -6.19 22.75 -6.04
N ASN B 560 -7.28 23.05 -6.75
CA ASN B 560 -8.15 24.15 -6.35
C ASN B 560 -8.73 23.90 -4.97
N TYR B 561 -9.17 22.66 -4.72
CA TYR B 561 -9.70 22.34 -3.39
C TYR B 561 -8.64 22.53 -2.32
N LEU B 562 -7.41 22.09 -2.58
CA LEU B 562 -6.34 22.24 -1.60
C LEU B 562 -6.03 23.71 -1.35
N TYR B 563 -5.95 24.51 -2.40
CA TYR B 563 -5.69 25.94 -2.21
C TYR B 563 -6.79 26.61 -1.41
N THR B 564 -8.05 26.25 -1.69
CA THR B 564 -9.15 26.92 -1.01
C THR B 564 -9.22 26.52 0.46
N TYR B 565 -8.98 25.25 0.78
CA TYR B 565 -9.21 24.77 2.15
C TYR B 565 -7.94 24.34 2.87
N LYS B 566 -7.14 23.45 2.28
CA LYS B 566 -5.99 22.88 2.95
C LYS B 566 -4.72 23.65 2.57
N MET B 567 -4.65 24.88 3.05
CA MET B 567 -3.47 25.73 2.87
C MET B 567 -2.93 26.14 4.23
N PRO B 568 -1.72 25.72 4.60
CA PRO B 568 -1.21 26.02 5.93
C PRO B 568 -0.87 27.50 6.10
N GLY B 569 -0.89 27.94 7.36
CA GLY B 569 -0.53 29.31 7.68
C GLY B 569 -1.59 30.31 7.22
N ASP B 570 -1.12 31.51 6.91
CA ASP B 570 -1.98 32.60 6.44
C ASP B 570 -1.68 32.97 5.00
N ILE B 571 -1.27 31.99 4.18
CA ILE B 571 -0.86 32.29 2.81
C ILE B 571 -2.04 32.79 1.98
N LYS B 572 -3.22 32.20 2.16
CA LYS B 572 -4.39 32.69 1.44
C LYS B 572 -4.74 34.11 1.85
N ASN B 573 -4.74 34.39 3.16
CA ASN B 573 -5.00 35.74 3.63
C ASN B 573 -3.92 36.70 3.15
N TRP B 574 -2.67 36.25 3.12
CA TRP B 574 -1.58 37.11 2.69
C TRP B 574 -1.68 37.45 1.21
N VAL B 575 -2.01 36.46 0.37
CA VAL B 575 -2.14 36.74 -1.07
C VAL B 575 -3.37 37.58 -1.34
N ASP B 576 -4.43 37.41 -0.55
CA ASP B 576 -5.59 38.30 -0.67
C ASP B 576 -5.21 39.73 -0.33
N ALA B 577 -4.43 39.91 0.74
CA ALA B 577 -4.09 41.26 1.18
C ALA B 577 -3.15 41.96 0.22
N HIS B 578 -2.12 41.25 -0.26
CA HIS B 578 -1.09 41.89 -1.07
C HIS B 578 -1.45 42.00 -2.54
N MET B 579 -2.57 41.42 -2.97
CA MET B 579 -3.10 41.51 -4.32
C MET B 579 -2.21 40.83 -5.36
N ASN B 580 -1.11 40.20 -4.94
CA ASN B 580 -0.16 39.61 -5.87
C ASN B 580 0.31 38.27 -5.32
N CYS B 581 1.06 37.55 -6.16
CA CYS B 581 1.73 36.30 -5.79
C CYS B 581 0.74 35.19 -5.47
N GLU B 582 -0.10 34.87 -6.45
CA GLU B 582 -0.95 33.68 -6.36
C GLU B 582 -0.32 32.48 -7.05
N ASP B 583 0.36 32.71 -8.17
CA ASP B 583 0.99 31.62 -8.91
C ASP B 583 2.07 30.94 -8.09
N ILE B 584 2.87 31.73 -7.38
CA ILE B 584 3.94 31.16 -6.56
C ILE B 584 3.37 30.31 -5.44
N ALA B 585 2.30 30.78 -4.80
CA ALA B 585 1.67 30.00 -3.73
C ALA B 585 1.07 28.71 -4.27
N MET B 586 0.44 28.78 -5.44
CA MET B 586 -0.10 27.58 -6.08
C MET B 586 1.01 26.58 -6.37
N ASN B 587 2.11 27.05 -6.95
CA ASN B 587 3.23 26.17 -7.24
C ASN B 587 3.80 25.54 -5.97
N PHE B 588 3.95 26.34 -4.91
CA PHE B 588 4.45 25.82 -3.66
C PHE B 588 3.56 24.70 -3.13
N LEU B 589 2.25 24.95 -3.09
CA LEU B 589 1.33 23.96 -2.55
C LEU B 589 1.33 22.69 -3.38
N VAL B 590 1.33 22.82 -4.71
CA VAL B 590 1.29 21.63 -5.55
C VAL B 590 2.58 20.84 -5.44
N ALA B 591 3.72 21.53 -5.46
CA ALA B 591 5.00 20.83 -5.35
C ALA B 591 5.17 20.19 -3.98
N ASN B 592 4.51 20.72 -2.94
CA ASN B 592 4.60 20.05 -1.66
C ASN B 592 3.68 18.84 -1.60
N VAL B 593 2.42 18.99 -2.02
CA VAL B 593 1.46 17.90 -1.88
C VAL B 593 1.84 16.74 -2.79
N THR B 594 2.18 17.03 -4.04
CA THR B 594 2.51 15.97 -4.99
C THR B 594 3.97 15.54 -4.91
N GLY B 595 4.86 16.38 -4.39
CA GLY B 595 6.25 16.03 -4.34
C GLY B 595 6.91 15.88 -5.69
N LYS B 596 6.28 16.36 -6.75
CA LYS B 596 6.82 16.26 -8.10
C LYS B 596 7.02 17.66 -8.66
N ALA B 597 7.89 17.75 -9.66
CA ALA B 597 8.19 19.03 -10.29
C ALA B 597 7.05 19.40 -11.23
N VAL B 598 7.24 20.47 -11.99
CA VAL B 598 6.24 20.97 -12.92
C VAL B 598 6.76 20.79 -14.34
N ILE B 599 5.82 20.70 -15.28
CA ILE B 599 6.14 20.49 -16.68
C ILE B 599 5.84 21.77 -17.44
N LYS B 600 6.85 22.32 -18.09
CA LYS B 600 6.69 23.48 -18.94
C LYS B 600 6.53 23.04 -20.38
N VAL B 601 5.61 23.67 -21.10
CA VAL B 601 5.38 23.40 -22.51
C VAL B 601 5.72 24.66 -23.29
N THR B 602 6.66 24.55 -24.22
CA THR B 602 7.07 25.70 -25.01
C THR B 602 5.99 26.09 -26.01
N THR B 623 8.39 48.19 -7.93
CA THR B 623 8.81 47.11 -7.04
C THR B 623 8.16 45.78 -7.44
N HIS B 624 8.37 45.38 -8.69
CA HIS B 624 7.79 44.13 -9.17
C HIS B 624 8.60 42.93 -8.71
N MET B 625 9.89 42.87 -9.11
CA MET B 625 10.72 41.73 -8.78
C MET B 625 10.91 41.59 -7.27
N VAL B 626 11.03 42.72 -6.57
CA VAL B 626 11.21 42.67 -5.12
C VAL B 626 10.00 42.04 -4.45
N GLU B 627 8.80 42.35 -4.93
CA GLU B 627 7.60 41.76 -4.38
C GLU B 627 7.60 40.24 -4.58
N ARG B 628 7.97 39.78 -5.77
CA ARG B 628 8.01 38.34 -6.03
C ARG B 628 9.03 37.65 -5.14
N SER B 629 10.21 38.26 -4.97
CA SER B 629 11.22 37.66 -4.10
C SER B 629 10.76 37.60 -2.66
N GLU B 630 10.11 38.67 -2.18
CA GLU B 630 9.57 38.65 -0.82
C GLU B 630 8.51 37.57 -0.67
N CYS B 631 7.68 37.38 -1.70
CA CYS B 631 6.69 36.33 -1.66
C CYS B 631 7.33 34.95 -1.56
N ILE B 632 8.38 34.72 -2.35
CA ILE B 632 9.06 33.43 -2.30
C ILE B 632 9.66 33.20 -0.93
N ASN B 633 10.29 34.23 -0.36
CA ASN B 633 10.90 34.08 0.96
C ASN B 633 9.84 33.79 2.02
N LYS B 634 8.71 34.49 1.96
CA LYS B 634 7.64 34.23 2.94
C LYS B 634 7.11 32.81 2.81
N PHE B 635 6.90 32.36 1.57
CA PHE B 635 6.39 31.00 1.35
C PHE B 635 7.38 29.95 1.85
N ALA B 636 8.68 30.19 1.63
CA ALA B 636 9.69 29.28 2.16
C ALA B 636 9.67 29.29 3.68
N SER B 637 9.48 30.45 4.29
CA SER B 637 9.46 30.54 5.74
C SER B 637 8.27 29.79 6.34
N VAL B 638 7.09 29.91 5.72
CA VAL B 638 5.91 29.27 6.31
C VAL B 638 6.00 27.75 6.18
N PHE B 639 6.53 27.25 5.05
CA PHE B 639 6.67 25.82 4.88
C PHE B 639 7.83 25.23 5.67
N GLY B 640 8.85 26.02 5.98
CA GLY B 640 10.04 25.53 6.63
C GLY B 640 11.10 24.99 5.69
N THR B 641 10.83 24.95 4.39
CA THR B 641 11.79 24.51 3.39
C THR B 641 11.31 24.98 2.02
N MET B 642 11.96 24.50 0.97
CA MET B 642 11.61 24.87 -0.39
C MET B 642 11.07 23.66 -1.13
N PRO B 643 9.74 23.51 -1.24
CA PRO B 643 9.19 22.35 -1.96
C PRO B 643 9.52 22.34 -3.44
N LEU B 644 9.87 23.49 -4.02
CA LEU B 644 10.13 23.54 -5.45
C LEU B 644 11.36 22.73 -5.81
N LYS B 645 11.32 22.12 -6.99
CA LYS B 645 12.42 21.30 -7.50
C LYS B 645 12.79 21.78 -8.89
N VAL B 646 14.09 21.82 -9.17
CA VAL B 646 14.60 22.32 -10.44
C VAL B 646 14.66 21.17 -11.43
N VAL B 647 14.06 21.37 -12.60
CA VAL B 647 14.12 20.42 -13.70
C VAL B 647 14.46 21.17 -14.97
N GLU B 648 15.16 20.49 -15.89
CA GLU B 648 15.66 21.11 -17.11
C GLU B 648 14.96 20.58 -18.35
N HIS B 649 13.75 20.02 -18.20
CA HIS B 649 13.07 19.36 -19.29
C HIS B 649 11.71 20.02 -19.56
N ARG B 650 11.38 20.15 -20.84
CA ARG B 650 10.10 20.68 -21.28
C ARG B 650 9.51 19.73 -22.31
N ALA B 651 8.18 19.73 -22.39
CA ALA B 651 7.46 18.86 -23.31
C ALA B 651 7.01 19.65 -24.53
N ASP B 652 7.33 19.14 -25.71
CA ASP B 652 6.93 19.76 -26.96
C ASP B 652 6.41 18.68 -27.90
N PRO B 653 5.58 19.06 -28.87
CA PRO B 653 5.03 18.06 -29.79
C PRO B 653 6.12 17.30 -30.53
N VAL B 654 5.87 16.02 -30.75
CA VAL B 654 6.82 15.14 -31.41
C VAL B 654 6.99 15.53 -32.88
C1 NAG C . 5.19 20.77 3.11
C2 NAG C . 6.67 20.44 3.29
C3 NAG C . 6.93 19.91 4.71
C4 NAG C . 6.37 20.88 5.74
C5 NAG C . 4.91 21.16 5.45
C6 NAG C . 4.30 22.19 6.39
C7 NAG C . 8.02 19.73 1.37
C8 NAG C . 8.35 18.60 0.43
N2 NAG C . 7.12 19.46 2.31
O3 NAG C . 8.33 19.74 4.90
O4 NAG C . 6.51 20.33 7.05
O5 NAG C . 4.78 21.69 4.13
O6 NAG C . 3.17 22.81 5.81
O7 NAG C . 8.56 20.83 1.28
C1 NAG C . 7.47 21.12 7.78
C2 NAG C . 7.23 20.92 9.26
C3 NAG C . 8.25 21.71 10.08
C4 NAG C . 9.67 21.35 9.64
C5 NAG C . 9.80 21.52 8.13
C6 NAG C . 11.14 21.06 7.60
C7 NAG C . 4.89 20.42 9.82
C8 NAG C . 3.56 20.99 10.20
N2 NAG C . 5.88 21.30 9.64
O3 NAG C . 8.07 21.42 11.46
O4 NAG C . 10.60 22.21 10.27
O5 NAG C . 8.80 20.75 7.45
O6 NAG C . 11.09 20.76 6.22
O7 NAG C . 5.06 19.21 9.70
C1 BMA C . 11.20 21.53 11.40
C2 BMA C . 12.70 21.88 11.45
C3 BMA C . 13.33 21.37 12.75
C4 BMA C . 12.48 21.74 13.97
C5 BMA C . 11.04 21.26 13.76
C6 BMA C . 10.13 21.60 14.91
O2 BMA C . 12.89 23.29 11.43
O3 BMA C . 14.65 21.86 12.91
O4 BMA C . 13.01 21.16 15.14
O5 BMA C . 10.54 21.89 12.59
O6 BMA C . 8.79 21.40 14.48
C1 NDG D . -34.25 -27.60 1.50
C2 NDG D . -34.60 -26.13 1.24
C3 NDG D . -34.21 -25.74 -0.18
C4 NDG D . -32.77 -26.11 -0.50
C5 NDG D . -32.57 -27.60 -0.19
C6 NDG D . -31.16 -28.09 -0.42
C7 NDG D . -36.65 -25.94 2.62
C8 NDG D . -38.14 -25.85 2.55
O5 NDG D . -32.89 -27.84 1.19
O3 NDG D . -34.43 -24.35 -0.37
O4 NDG D . -32.56 -25.89 -1.88
O6 NDG D . -30.93 -28.37 -1.80
O7 NDG D . -36.07 -26.09 3.70
N2 NDG D . -36.00 -25.84 1.46
O1 NDG D . -35.08 -28.43 0.74
C1 BDP D . -31.45 -25.04 -2.35
C2 BDP D . -30.81 -23.90 -1.53
C3 BDP D . -29.77 -23.11 -2.30
C4 BDP D . -28.88 -24.00 -3.14
C5 BDP D . -29.78 -24.97 -3.91
C6 BDP D . -29.02 -25.82 -4.90
O2 BDP D . -31.84 -23.00 -1.09
O3 BDP D . -28.95 -22.42 -1.37
O4 BDP D . -28.09 -23.21 -4.03
O5 BDP D . -30.42 -25.78 -2.95
O6A BDP D . -28.88 -25.37 -6.06
O6B BDP D . -28.56 -26.91 -4.54
C1 NDG D . -26.70 -23.37 -3.72
C2 NDG D . -25.98 -22.01 -3.69
C3 NDG D . -25.37 -21.68 -5.04
C4 NDG D . -24.69 -22.88 -5.66
C5 NDG D . -25.72 -24.00 -5.79
C6 NDG D . -25.21 -25.21 -6.53
C7 NDG D . -26.81 -20.16 -2.29
C8 NDG D . -25.42 -19.75 -1.92
O5 NDG D . -26.09 -24.40 -4.47
O3 NDG D . -24.47 -20.58 -4.93
O4 NDG D . -24.21 -22.55 -6.96
O6 NDG D . -26.21 -26.22 -6.66
O7 NDG D . -27.79 -19.76 -1.68
N2 NDG D . -26.93 -20.97 -3.33
C1 NAG E . -25.07 5.85 -14.02
C2 NAG E . -26.32 6.54 -14.58
C3 NAG E . -26.51 6.18 -16.05
C4 NAG E . -25.23 6.48 -16.84
C5 NAG E . -24.05 5.76 -16.19
C6 NAG E . -22.73 6.08 -16.86
C7 NAG E . -28.62 6.93 -13.81
C8 NAG E . -29.75 6.41 -12.98
N2 NAG E . -27.51 6.19 -13.82
O3 NAG E . -27.59 6.92 -16.60
O4 NAG E . -25.37 6.02 -18.18
O5 NAG E . -23.94 6.17 -14.83
O6 NAG E . -22.15 4.92 -17.43
O7 NAG E . -28.71 7.97 -14.45
N1 UDP F . -26.49 -9.85 -9.56
C2 UDP F . -26.55 -9.11 -10.72
N3 UDP F . -27.70 -8.37 -10.88
C4 UDP F . -28.77 -8.32 -10.02
C5 UDP F . -28.64 -9.11 -8.84
C6 UDP F . -27.52 -9.83 -8.65
O2 UDP F . -25.65 -9.10 -11.54
O4 UDP F . -29.75 -7.60 -10.30
C1' UDP F . -25.29 -10.66 -9.32
C2' UDP F . -24.10 -9.84 -8.82
O2' UDP F . -23.37 -9.34 -9.93
C3' UDP F . -23.32 -10.90 -8.04
C4' UDP F . -24.41 -11.78 -7.46
O4' UDP F . -25.58 -11.60 -8.31
O3' UDP F . -22.46 -11.65 -8.90
C5' UDP F . -24.79 -11.50 -6.03
O5' UDP F . -26.20 -11.76 -5.87
PA UDP F . -26.72 -12.81 -4.81
O1A UDP F . -27.84 -12.22 -3.96
O2A UDP F . -27.01 -14.06 -5.55
O3A UDP F . -25.42 -13.07 -3.90
PB UDP F . -25.20 -14.44 -3.09
O1B UDP F . -26.01 -15.46 -3.87
O2B UDP F . -25.75 -14.16 -1.72
O3B UDP F . -23.71 -14.66 -3.14
N1 UDP G . -6.94 41.29 -10.31
C2 UDP G . -7.92 40.99 -9.37
N3 UDP G . -8.21 42.02 -8.50
C4 UDP G . -7.64 43.27 -8.46
C5 UDP G . -6.63 43.49 -9.46
C6 UDP G . -6.33 42.52 -10.33
O2 UDP G . -8.48 39.91 -9.32
O4 UDP G . -8.00 44.09 -7.60
C1' UDP G . -6.59 40.23 -11.27
C2' UDP G . -7.38 40.31 -12.57
O2' UDP G . -8.60 39.59 -12.42
C3' UDP G . -6.42 39.62 -13.56
C4' UDP G . -5.04 39.86 -12.97
O4' UDP G . -5.24 40.40 -11.63
O3' UDP G . -6.70 38.24 -13.73
C5' UDP G . -4.17 40.80 -13.75
O5' UDP G . -2.83 40.72 -13.26
PA UDP G . -1.67 41.60 -13.86
O1A UDP G . -2.32 42.75 -14.53
O2A UDP G . -0.61 41.91 -12.83
O3A UDP G . -0.99 40.68 -14.94
PB UDP G . 0.34 41.06 -15.69
O1B UDP G . 0.15 42.54 -16.00
O2B UDP G . 1.41 40.89 -14.62
O3B UDP G . 0.56 40.21 -16.89
#